data_3V8D
#
_entry.id   3V8D
#
_cell.length_a   55.618
_cell.length_b   74.220
_cell.length_c   87.933
_cell.angle_alpha   66.330
_cell.angle_beta   75.530
_cell.angle_gamma   69.620
#
_symmetry.space_group_name_H-M   'P 1'
#
loop_
_entity.id
_entity.type
_entity.pdbx_description
1 polymer 'Cholesterol 7-alpha-monooxygenase'
2 non-polymer 'PROTOPORPHYRIN IX CONTAINING FE'
3 non-polymer (3beta,8alpha,9beta)-3-hydroxycholest-5-en-7-one
4 non-polymer 'SULFATE ION'
5 non-polymer 'UNKNOWN ATOM OR ION'
6 water water
#
_entity_poly.entity_id   1
_entity_poly.type   'polypeptide(L)'
_entity_poly.pdbx_seq_one_letter_code
;MAKKTSSRRRQTGEPPLENGLIPYLGCALQFGANPLEFLRANQRKHGHVFTCKLMGKYVHFITNPLSYHKVLCHGKYFDW
KKFHFALSAKAFGHRSIDPMDGNTTENINDTFIKTLQGHALNSLTESMMENLQRIMRPPVSSNSKTAAWVTEGMYSFCYR
VMFEAGYLTIFGRDLTRRDTQKAHILNNLDNFKQFDKVFPALVAGLPIHMFRTAHNAREKLAESLRHENLQKRESISELI
SLRMFLNDTLSTFDDLEKAKTHLVVLWASQANTIPATFWSLFQMIRNPEAMKAATEEVKRTLENAGQKVSLEGNPICLSQ
AELNDLPVLDSIIKESLRLSSASLNIRTAKEDFTLHLEDGSYNIRKDDIIALYPQLMHLDPEIYPDPLTFKYDRYLDENG
KTKTTFYCNGLKLKYYYMPFGSGATICPGRLFAIHEIKQFLILMLSYFELELIEGQAKCPPLDQSRAGLGILPPLNDIEF
KYKFKHHHHHH
;
_entity_poly.pdbx_strand_id   A,B
#
# COMPACT_ATOMS: atom_id res chain seq x y z
N SER A 7 8.95 -13.81 -20.30
CA SER A 7 8.19 -12.55 -20.12
C SER A 7 7.35 -12.27 -21.37
N ARG A 8 6.19 -11.65 -21.18
CA ARG A 8 5.23 -11.44 -22.30
C ARG A 8 5.64 -10.30 -23.21
N ARG A 9 5.53 -10.53 -24.52
CA ARG A 9 5.84 -9.52 -25.53
C ARG A 9 4.62 -9.28 -26.39
N ARG A 10 4.40 -8.01 -26.75
CA ARG A 10 3.29 -7.64 -27.61
C ARG A 10 3.49 -8.28 -28.97
N GLN A 11 2.46 -8.97 -29.44
CA GLN A 11 2.46 -9.53 -30.80
C GLN A 11 1.56 -8.67 -31.67
N THR A 12 1.66 -8.85 -32.98
CA THR A 12 0.95 -7.96 -33.91
C THR A 12 -0.57 -8.08 -33.73
N GLY A 13 -1.23 -6.93 -33.71
CA GLY A 13 -2.67 -6.88 -33.52
C GLY A 13 -3.12 -6.80 -32.07
N GLU A 14 -2.20 -7.02 -31.12
CA GLU A 14 -2.50 -6.92 -29.70
C GLU A 14 -2.36 -5.48 -29.28
N PRO A 15 -3.10 -5.07 -28.21
CA PRO A 15 -3.00 -3.67 -27.82
C PRO A 15 -1.62 -3.32 -27.31
N PRO A 16 -1.30 -2.03 -27.18
CA PRO A 16 -0.05 -1.67 -26.53
C PRO A 16 0.03 -2.31 -25.13
N LEU A 17 1.20 -2.82 -24.79
CA LEU A 17 1.41 -3.57 -23.55
C LEU A 17 2.28 -2.76 -22.63
N GLU A 18 1.76 -2.43 -21.46
CA GLU A 18 2.51 -1.67 -20.49
C GLU A 18 3.37 -2.59 -19.65
N ASN A 19 4.60 -2.14 -19.40
CA ASN A 19 5.52 -2.85 -18.54
C ASN A 19 5.19 -2.55 -17.11
N GLY A 20 5.55 -3.46 -16.23
CA GLY A 20 5.38 -3.26 -14.82
C GLY A 20 4.33 -4.18 -14.30
N LEU A 21 4.43 -4.49 -13.02
CA LEU A 21 3.54 -5.39 -12.35
C LEU A 21 2.73 -4.55 -11.37
N ILE A 22 1.41 -4.56 -11.52
CA ILE A 22 0.51 -3.82 -10.64
C ILE A 22 -0.27 -4.84 -9.78
N PRO A 23 0.08 -4.97 -8.50
CA PRO A 23 -0.59 -5.99 -7.65
C PRO A 23 -2.12 -5.81 -7.56
N TYR A 24 -2.54 -4.57 -7.36
CA TYR A 24 -3.94 -4.21 -7.39
C TYR A 24 -4.02 -2.73 -7.71
N LEU A 25 -5.20 -2.32 -8.16
CA LEU A 25 -5.37 -1.00 -8.76
C LEU A 25 -5.16 0.12 -7.75
N GLY A 26 -5.54 -0.08 -6.49
CA GLY A 26 -5.37 0.94 -5.46
C GLY A 26 -4.02 0.97 -4.73
N CYS A 27 -3.03 0.24 -5.25
CA CYS A 27 -1.75 0.10 -4.51
C CYS A 27 -0.86 1.36 -4.60
N ALA A 28 -0.02 1.51 -3.59
CA ALA A 28 1.09 2.46 -3.62
C ALA A 28 0.66 3.95 -3.58
N LEU A 29 -0.50 4.23 -2.98
CA LEU A 29 -0.97 5.61 -2.86
C LEU A 29 0.00 6.44 -2.03
N GLN A 30 0.61 5.80 -1.05
CA GLN A 30 1.65 6.42 -0.19
C GLN A 30 2.91 6.87 -0.96
N PHE A 31 3.13 6.30 -2.15
CA PHE A 31 4.25 6.70 -2.99
C PHE A 31 3.80 7.66 -4.10
N GLY A 32 2.51 8.03 -4.08
CA GLY A 32 1.96 9.01 -5.02
C GLY A 32 1.18 8.42 -6.19
N ALA A 33 0.82 7.14 -6.10
CA ALA A 33 -0.02 6.53 -7.13
C ALA A 33 -1.39 7.22 -7.16
N ASN A 34 -2.04 7.13 -8.30
CA ASN A 34 -3.40 7.68 -8.50
C ASN A 34 -3.98 6.90 -9.65
N PRO A 35 -4.82 5.86 -9.32
CA PRO A 35 -5.27 4.93 -10.35
C PRO A 35 -6.09 5.55 -11.46
N LEU A 36 -6.94 6.51 -11.12
CA LEU A 36 -7.74 7.19 -12.15
C LEU A 36 -6.82 7.92 -13.11
N GLU A 37 -5.87 8.67 -12.56
CA GLU A 37 -4.95 9.44 -13.38
C GLU A 37 -3.97 8.54 -14.12
N PHE A 38 -3.66 7.38 -13.52
CA PHE A 38 -2.80 6.38 -14.16
C PHE A 38 -3.44 5.81 -15.41
N LEU A 39 -4.71 5.44 -15.31
CA LEU A 39 -5.46 4.95 -16.46
C LEU A 39 -5.66 6.05 -17.54
N ARG A 40 -5.89 7.29 -17.09
CA ARG A 40 -6.02 8.44 -18.01
C ARG A 40 -4.71 8.75 -18.72
N ALA A 41 -3.60 8.61 -18.02
CA ALA A 41 -2.27 8.82 -18.61
C ALA A 41 -1.97 7.73 -19.65
N ASN A 42 -2.41 6.51 -19.37
CA ASN A 42 -2.28 5.42 -20.32
C ASN A 42 -3.15 5.64 -21.58
N GLN A 43 -4.31 6.27 -21.39
CA GLN A 43 -5.20 6.65 -22.51
C GLN A 43 -4.55 7.66 -23.42
N ARG A 44 -3.96 8.68 -22.83
CA ARG A 44 -3.27 9.69 -23.58
C ARG A 44 -2.08 9.10 -24.30
N LYS A 45 -1.37 8.20 -23.63
CA LYS A 45 -0.14 7.59 -24.19
C LYS A 45 -0.42 6.54 -25.26
N HIS A 46 -1.44 5.73 -25.06
CA HIS A 46 -1.67 4.54 -25.90
C HIS A 46 -2.96 4.51 -26.67
N GLY A 47 -3.89 5.40 -26.36
CA GLY A 47 -5.21 5.36 -26.96
C GLY A 47 -6.19 4.61 -26.09
N HIS A 48 -7.30 4.24 -26.67
CA HIS A 48 -8.45 3.75 -25.89
C HIS A 48 -8.33 2.33 -25.40
N VAL A 49 -7.39 1.57 -25.94
CA VAL A 49 -7.17 0.18 -25.52
C VAL A 49 -5.69 -0.04 -25.20
N PHE A 50 -5.42 -0.62 -24.04
CA PHE A 50 -4.05 -0.89 -23.60
C PHE A 50 -4.06 -2.02 -22.60
N THR A 51 -2.92 -2.68 -22.45
CA THR A 51 -2.83 -3.86 -21.61
C THR A 51 -1.92 -3.60 -20.42
N CYS A 52 -2.37 -4.05 -19.25
CA CYS A 52 -1.61 -3.93 -18.02
C CYS A 52 -1.53 -5.28 -17.37
N LYS A 53 -0.42 -5.53 -16.68
CA LYS A 53 -0.28 -6.70 -15.81
CA LYS A 53 -0.29 -6.70 -15.81
C LYS A 53 -0.85 -6.33 -14.42
N LEU A 54 -2.08 -6.74 -14.16
CA LEU A 54 -2.80 -6.31 -12.97
C LEU A 54 -3.46 -7.49 -12.29
N MET A 55 -3.33 -7.58 -10.98
CA MET A 55 -3.90 -8.70 -10.19
C MET A 55 -3.42 -10.06 -10.71
N GLY A 56 -2.18 -10.07 -11.19
CA GLY A 56 -1.55 -11.31 -11.72
C GLY A 56 -2.04 -11.77 -13.08
N LYS A 57 -2.87 -10.96 -13.74
CA LYS A 57 -3.42 -11.27 -15.05
C LYS A 57 -2.98 -10.23 -16.04
N TYR A 58 -3.19 -10.50 -17.32
CA TYR A 58 -3.04 -9.49 -18.35
C TYR A 58 -4.39 -8.93 -18.62
N VAL A 59 -4.56 -7.65 -18.27
CA VAL A 59 -5.83 -6.98 -18.30
C VAL A 59 -5.84 -5.96 -19.42
N HIS A 60 -6.77 -6.15 -20.36
CA HIS A 60 -7.00 -5.20 -21.44
C HIS A 60 -8.05 -4.21 -21.02
N PHE A 61 -7.67 -2.93 -20.90
CA PHE A 61 -8.61 -1.86 -20.55
C PHE A 61 -9.21 -1.28 -21.81
N ILE A 62 -10.54 -1.29 -21.87
CA ILE A 62 -11.31 -0.73 -22.97
C ILE A 62 -11.93 0.56 -22.45
N THR A 63 -11.46 1.71 -22.92
CA THR A 63 -11.81 2.99 -22.28
C THR A 63 -12.64 3.93 -23.19
N ASN A 64 -12.93 3.50 -24.41
CA ASN A 64 -13.83 4.28 -25.30
C ASN A 64 -15.26 3.98 -24.93
N PRO A 65 -16.03 4.99 -24.44
CA PRO A 65 -17.43 4.77 -24.10
C PRO A 65 -18.23 4.18 -25.25
N LEU A 66 -17.89 4.56 -26.49
CA LEU A 66 -18.56 4.04 -27.68
C LEU A 66 -18.26 2.57 -27.94
N SER A 67 -17.28 2.00 -27.23
CA SER A 67 -16.92 0.58 -27.37
C SER A 67 -17.43 -0.31 -26.23
N TYR A 68 -18.04 0.29 -25.20
CA TYR A 68 -18.50 -0.47 -24.03
C TYR A 68 -19.50 -1.57 -24.43
N HIS A 69 -20.39 -1.26 -25.37
CA HIS A 69 -21.43 -2.22 -25.81
C HIS A 69 -20.84 -3.49 -26.40
N LYS A 70 -19.63 -3.41 -26.98
CA LYS A 70 -18.99 -4.59 -27.60
C LYS A 70 -18.48 -5.61 -26.57
N VAL A 71 -18.25 -5.15 -25.33
CA VAL A 71 -17.80 -6.05 -24.26
C VAL A 71 -18.96 -6.41 -23.30
N LEU A 72 -19.98 -5.54 -23.20
CA LEU A 72 -21.10 -5.75 -22.25
C LEU A 72 -22.20 -6.65 -22.82
N CYS A 73 -22.10 -6.98 -24.10
CA CYS A 73 -22.98 -7.95 -24.72
C CYS A 73 -22.51 -9.37 -24.40
N HIS A 74 -23.43 -10.33 -24.46
CA HIS A 74 -23.06 -11.75 -24.35
C HIS A 74 -22.25 -12.12 -25.57
N GLY A 75 -21.15 -12.82 -25.35
CA GLY A 75 -20.24 -13.18 -26.45
C GLY A 75 -19.70 -14.57 -26.27
N LYS A 76 -19.50 -15.28 -27.39
CA LYS A 76 -19.03 -16.67 -27.36
C LYS A 76 -17.71 -16.81 -26.64
N TYR A 77 -16.86 -15.78 -26.71
CA TYR A 77 -15.50 -15.83 -26.13
C TYR A 77 -15.39 -15.21 -24.71
N PHE A 78 -16.51 -14.80 -24.13
CA PHE A 78 -16.54 -14.16 -22.80
C PHE A 78 -16.96 -15.12 -21.68
N ASP A 79 -16.10 -15.23 -20.66
CA ASP A 79 -16.44 -15.88 -19.38
C ASP A 79 -16.54 -14.76 -18.34
N TRP A 80 -17.76 -14.49 -17.87
CA TRP A 80 -18.02 -13.38 -16.93
C TRP A 80 -18.19 -13.86 -15.49
N LYS A 81 -17.69 -15.06 -15.18
CA LYS A 81 -17.80 -15.65 -13.81
C LYS A 81 -16.45 -16.12 -13.23
N LYS A 82 -15.58 -16.64 -14.10
CA LYS A 82 -14.30 -17.23 -13.70
C LYS A 82 -13.54 -16.37 -12.67
N PHE A 83 -13.25 -15.13 -13.02
CA PHE A 83 -12.44 -14.26 -12.19
C PHE A 83 -13.14 -13.96 -10.84
N HIS A 84 -14.44 -13.73 -10.88
CA HIS A 84 -15.23 -13.48 -9.65
C HIS A 84 -15.25 -14.66 -8.71
N PHE A 85 -15.42 -15.87 -9.27
CA PHE A 85 -15.37 -17.11 -8.47
C PHE A 85 -14.04 -17.23 -7.73
N ALA A 86 -12.93 -17.02 -8.47
CA ALA A 86 -11.57 -17.10 -7.92
C ALA A 86 -11.36 -16.03 -6.83
N LEU A 87 -11.86 -14.82 -7.06
CA LEU A 87 -11.75 -13.73 -6.09
C LEU A 87 -12.44 -14.09 -4.77
N SER A 88 -13.66 -14.61 -4.85
CA SER A 88 -14.43 -15.00 -3.65
C SER A 88 -13.70 -16.05 -2.82
N ALA A 89 -13.31 -17.15 -3.48
CA ALA A 89 -12.59 -18.26 -2.83
C ALA A 89 -11.36 -17.75 -2.10
N LYS A 90 -10.63 -16.86 -2.77
CA LYS A 90 -9.40 -16.29 -2.28
C LYS A 90 -9.62 -15.30 -1.08
N ALA A 91 -10.51 -14.35 -1.24
CA ALA A 91 -10.73 -13.31 -0.21
C ALA A 91 -11.45 -13.83 1.04
N PHE A 92 -12.39 -14.74 0.84
CA PHE A 92 -13.25 -15.23 1.93
C PHE A 92 -12.80 -16.56 2.50
N GLY A 93 -12.10 -17.36 1.68
CA GLY A 93 -11.54 -18.63 2.11
C GLY A 93 -12.53 -19.77 1.99
N HIS A 94 -12.81 -20.19 0.78
CA HIS A 94 -13.62 -21.39 0.55
C HIS A 94 -13.16 -22.04 -0.68
N ARG A 95 -13.47 -23.32 -0.83
CA ARG A 95 -13.10 -24.07 -2.05
C ARG A 95 -13.92 -23.56 -3.21
N SER A 96 -13.50 -23.94 -4.41
CA SER A 96 -14.10 -23.44 -5.64
C SER A 96 -15.62 -23.62 -5.67
N ILE A 97 -16.32 -22.53 -6.01
CA ILE A 97 -17.79 -22.54 -6.21
C ILE A 97 -18.14 -22.63 -7.70
N ASP A 98 -17.11 -22.72 -8.54
CA ASP A 98 -17.28 -22.97 -9.94
C ASP A 98 -17.83 -24.39 -10.09
N PRO A 99 -19.05 -24.54 -10.66
CA PRO A 99 -19.64 -25.90 -10.80
C PRO A 99 -18.79 -26.90 -11.63
N MET A 100 -17.89 -26.37 -12.47
CA MET A 100 -16.90 -27.21 -13.19
C MET A 100 -16.01 -27.99 -12.22
N ASP A 101 -15.73 -27.39 -11.07
CA ASP A 101 -14.84 -28.02 -10.06
C ASP A 101 -15.56 -29.00 -9.10
N GLY A 102 -16.89 -29.09 -9.19
CA GLY A 102 -17.64 -30.20 -8.57
C GLY A 102 -18.01 -30.09 -7.09
N ASN A 103 -17.76 -28.95 -6.46
CA ASN A 103 -18.16 -28.74 -5.05
C ASN A 103 -19.62 -28.37 -4.93
N THR A 104 -20.18 -27.83 -6.00
CA THR A 104 -21.58 -27.48 -6.02
C THR A 104 -22.13 -27.53 -7.45
N THR A 105 -23.44 -27.74 -7.57
CA THR A 105 -24.14 -27.66 -8.86
C THR A 105 -25.06 -26.44 -8.94
N GLU A 106 -25.06 -25.62 -7.89
CA GLU A 106 -25.86 -24.40 -7.84
C GLU A 106 -25.39 -23.38 -8.87
N ASN A 107 -26.35 -22.72 -9.52
CA ASN A 107 -26.12 -21.52 -10.29
C ASN A 107 -26.42 -20.35 -9.39
N ILE A 108 -25.37 -19.71 -8.88
CA ILE A 108 -25.55 -18.66 -7.84
C ILE A 108 -26.24 -17.41 -8.37
N ASN A 109 -25.92 -17.03 -9.63
CA ASN A 109 -26.64 -15.96 -10.34
C ASN A 109 -28.16 -16.17 -10.27
N ASP A 110 -28.61 -17.38 -10.58
CA ASP A 110 -30.04 -17.76 -10.46
C ASP A 110 -30.59 -17.57 -9.04
N THR A 111 -29.80 -17.96 -8.04
CA THR A 111 -30.19 -17.82 -6.63
C THR A 111 -30.39 -16.35 -6.24
N PHE A 112 -29.48 -15.50 -6.68
CA PHE A 112 -29.52 -14.08 -6.38
C PHE A 112 -30.67 -13.42 -7.07
N ILE A 113 -30.84 -13.69 -8.36
CA ILE A 113 -31.93 -13.08 -9.11
C ILE A 113 -33.28 -13.48 -8.51
N LYS A 114 -33.42 -14.77 -8.17
CA LYS A 114 -34.67 -15.28 -7.59
C LYS A 114 -35.03 -14.64 -6.23
N THR A 115 -34.01 -14.26 -5.44
CA THR A 115 -34.24 -13.83 -4.05
C THR A 115 -34.00 -12.34 -3.79
N LEU A 116 -33.49 -11.61 -4.79
CA LEU A 116 -33.27 -10.14 -4.67
C LEU A 116 -34.16 -9.31 -5.61
N GLN A 117 -34.90 -10.01 -6.48
CA GLN A 117 -35.79 -9.37 -7.45
C GLN A 117 -37.19 -10.01 -7.36
N GLY A 118 -38.17 -9.42 -8.05
CA GLY A 118 -39.53 -9.95 -8.08
C GLY A 118 -40.21 -9.91 -6.74
N HIS A 119 -40.96 -10.98 -6.42
CA HIS A 119 -41.67 -11.10 -5.12
CA HIS A 119 -41.67 -11.06 -5.13
C HIS A 119 -40.74 -10.95 -3.96
N ALA A 120 -39.59 -11.61 -4.03
CA ALA A 120 -38.61 -11.59 -2.94
C ALA A 120 -38.11 -10.15 -2.61
N LEU A 121 -37.96 -9.32 -3.64
CA LEU A 121 -37.57 -7.92 -3.45
C LEU A 121 -38.59 -7.18 -2.62
N ASN A 122 -39.86 -7.49 -2.80
CA ASN A 122 -40.92 -6.75 -2.07
C ASN A 122 -40.87 -7.00 -0.57
N SER A 123 -40.70 -8.26 -0.18
CA SER A 123 -40.58 -8.61 1.24
C SER A 123 -39.28 -8.07 1.85
N LEU A 124 -38.16 -8.19 1.13
CA LEU A 124 -36.85 -7.58 1.57
C LEU A 124 -37.01 -6.11 1.85
N THR A 125 -37.63 -5.41 0.91
CA THR A 125 -37.86 -3.97 1.02
C THR A 125 -38.71 -3.59 2.23
N GLU A 126 -39.80 -4.34 2.47
CA GLU A 126 -40.64 -4.12 3.66
C GLU A 126 -39.86 -4.37 4.92
N SER A 127 -39.09 -5.45 4.95
CA SER A 127 -38.27 -5.81 6.13
C SER A 127 -37.23 -4.73 6.41
N MET A 128 -36.57 -4.26 5.37
CA MET A 128 -35.52 -3.20 5.52
C MET A 128 -36.13 -1.93 6.12
N MET A 129 -37.31 -1.55 5.64
CA MET A 129 -38.02 -0.39 6.13
C MET A 129 -38.40 -0.52 7.62
N GLU A 130 -38.85 -1.69 8.03
CA GLU A 130 -39.17 -1.95 9.46
C GLU A 130 -37.91 -1.91 10.32
N ASN A 131 -36.87 -2.58 9.85
CA ASN A 131 -35.59 -2.59 10.54
C ASN A 131 -34.97 -1.22 10.63
N LEU A 132 -34.94 -0.47 9.52
CA LEU A 132 -34.42 0.93 9.54
C LEU A 132 -35.17 1.78 10.58
N GLN A 133 -36.50 1.64 10.62
CA GLN A 133 -37.30 2.40 11.62
C GLN A 133 -37.01 1.98 13.08
N ARG A 134 -36.87 0.67 13.35
CA ARG A 134 -36.52 0.19 14.70
CA ARG A 134 -36.51 0.19 14.71
C ARG A 134 -35.15 0.75 15.14
N ILE A 135 -34.21 0.79 14.22
CA ILE A 135 -32.83 1.24 14.51
C ILE A 135 -32.70 2.74 14.62
N MET A 136 -33.35 3.48 13.71
CA MET A 136 -33.20 4.94 13.66
C MET A 136 -34.05 5.64 14.71
N ARG A 137 -35.16 5.03 15.10
CA ARG A 137 -35.99 5.60 16.14
C ARG A 137 -35.26 5.55 17.46
N PRO A 138 -35.47 6.57 18.30
CA PRO A 138 -34.80 6.59 19.60
C PRO A 138 -35.41 5.56 20.54
N PRO A 139 -34.61 5.05 21.50
CA PRO A 139 -35.18 4.23 22.56
C PRO A 139 -36.41 4.92 23.19
N VAL A 140 -37.54 4.20 23.24
CA VAL A 140 -38.80 4.77 23.75
C VAL A 140 -38.62 5.27 25.20
N SER A 141 -38.35 6.57 25.32
CA SER A 141 -38.12 7.23 26.61
C SER A 141 -38.51 8.69 26.50
N SER A 142 -38.04 9.53 27.43
CA SER A 142 -38.36 10.97 27.42
C SER A 142 -37.72 11.69 26.20
N ASN A 143 -38.39 12.75 25.75
CA ASN A 143 -37.90 13.60 24.64
C ASN A 143 -36.60 14.32 25.00
N SER A 144 -36.44 14.65 26.29
CA SER A 144 -35.22 15.28 26.82
C SER A 144 -33.96 14.45 26.56
N LYS A 145 -34.13 13.13 26.50
CA LYS A 145 -33.02 12.21 26.19
C LYS A 145 -32.50 12.43 24.75
N THR A 146 -33.39 12.90 23.86
CA THR A 146 -33.05 13.13 22.45
C THR A 146 -33.37 14.56 21.99
N ALA A 147 -33.25 15.54 22.89
CA ALA A 147 -33.59 16.96 22.56
C ALA A 147 -32.43 17.71 21.85
N ALA A 148 -31.21 17.46 22.28
CA ALA A 148 -30.06 18.23 21.84
C ALA A 148 -29.49 17.76 20.50
N TRP A 149 -28.73 18.63 19.85
CA TRP A 149 -27.96 18.29 18.68
C TRP A 149 -26.86 17.33 19.03
N VAL A 150 -26.65 16.32 18.19
CA VAL A 150 -25.59 15.32 18.40
C VAL A 150 -24.62 15.40 17.23
N THR A 151 -23.32 15.49 17.53
CA THR A 151 -22.28 15.53 16.50
C THR A 151 -21.66 14.16 16.36
N GLU A 152 -21.46 13.74 15.12
CA GLU A 152 -20.89 12.45 14.83
C GLU A 152 -20.25 12.49 13.44
N GLY A 153 -19.28 11.60 13.20
CA GLY A 153 -18.76 11.39 11.85
C GLY A 153 -19.88 10.82 11.02
N MET A 154 -20.12 11.41 9.85
CA MET A 154 -21.25 10.99 9.02
C MET A 154 -21.06 9.56 8.51
N TYR A 155 -19.87 9.25 8.03
CA TYR A 155 -19.59 7.86 7.59
C TYR A 155 -19.83 6.86 8.71
N SER A 156 -19.32 7.17 9.89
CA SER A 156 -19.52 6.35 11.06
C SER A 156 -21.02 6.13 11.39
N PHE A 157 -21.80 7.19 11.29
CA PHE A 157 -23.25 7.12 11.50
C PHE A 157 -23.91 6.22 10.47
N CYS A 158 -23.60 6.46 9.20
CA CYS A 158 -24.20 5.67 8.09
C CYS A 158 -23.80 4.22 8.21
N TYR A 159 -22.56 4.00 8.61
CA TYR A 159 -22.04 2.66 8.75
C TYR A 159 -22.89 1.89 9.76
N ARG A 160 -23.07 2.43 10.98
CA ARG A 160 -23.77 1.67 12.01
C ARG A 160 -25.28 1.50 11.72
N VAL A 161 -25.94 2.52 11.19
CA VAL A 161 -27.37 2.38 10.88
C VAL A 161 -27.54 1.34 9.74
N MET A 162 -26.88 1.56 8.61
CA MET A 162 -27.03 0.67 7.45
C MET A 162 -26.52 -0.73 7.72
N PHE A 163 -25.41 -0.87 8.44
CA PHE A 163 -24.91 -2.22 8.74
C PHE A 163 -25.93 -3.01 9.56
N GLU A 164 -26.39 -2.43 10.66
CA GLU A 164 -27.35 -3.12 11.52
C GLU A 164 -28.63 -3.42 10.78
N ALA A 165 -29.20 -2.42 10.10
CA ALA A 165 -30.45 -2.61 9.35
C ALA A 165 -30.28 -3.68 8.28
N GLY A 166 -29.20 -3.60 7.53
CA GLY A 166 -28.89 -4.58 6.49
C GLY A 166 -28.61 -5.96 7.04
N TYR A 167 -27.90 -6.01 8.16
CA TYR A 167 -27.57 -7.31 8.77
C TYR A 167 -28.86 -8.02 9.18
N LEU A 168 -29.73 -7.32 9.89
CA LEU A 168 -30.94 -7.90 10.41
C LEU A 168 -31.94 -8.23 9.31
N THR A 169 -31.94 -7.45 8.24
CA THR A 169 -32.79 -7.71 7.08
C THR A 169 -32.35 -8.98 6.33
N ILE A 170 -31.07 -9.10 6.08
CA ILE A 170 -30.56 -10.27 5.34
C ILE A 170 -30.50 -11.54 6.24
N PHE A 171 -29.99 -11.39 7.47
CA PHE A 171 -29.74 -12.58 8.34
C PHE A 171 -30.76 -12.80 9.44
N GLY A 172 -31.79 -11.98 9.47
CA GLY A 172 -32.82 -12.09 10.48
C GLY A 172 -32.34 -11.59 11.81
N ARG A 173 -33.18 -11.81 12.83
CA ARG A 173 -32.94 -11.34 14.17
C ARG A 173 -32.97 -12.47 15.17
N ASP A 174 -32.18 -12.33 16.23
CA ASP A 174 -32.23 -13.27 17.35
C ASP A 174 -33.10 -12.59 18.42
N LEU A 175 -34.30 -13.13 18.62
CA LEU A 175 -35.23 -12.55 19.57
C LEU A 175 -35.31 -13.39 20.85
N THR A 176 -34.39 -14.34 20.97
CA THR A 176 -34.26 -15.19 22.17
C THR A 176 -33.62 -14.41 23.29
N ARG A 177 -32.62 -13.60 22.94
CA ARG A 177 -31.94 -12.76 23.88
C ARG A 177 -31.83 -11.36 23.30
N ARG A 178 -32.88 -10.57 23.53
CA ARG A 178 -32.93 -9.17 23.08
C ARG A 178 -31.98 -8.29 23.85
N ASP A 179 -31.76 -8.64 25.12
CA ASP A 179 -30.91 -7.84 26.03
C ASP A 179 -29.42 -7.74 25.60
N THR A 180 -28.97 -8.68 24.75
CA THR A 180 -27.55 -8.76 24.34
C THR A 180 -27.29 -8.43 22.84
N GLN A 181 -28.36 -8.16 22.09
CA GLN A 181 -28.23 -7.98 20.62
C GLN A 181 -27.48 -6.73 20.22
N LYS A 182 -27.55 -5.67 21.03
CA LYS A 182 -26.70 -4.50 20.82
C LYS A 182 -25.24 -4.94 20.87
N ALA A 183 -24.91 -5.78 21.85
CA ALA A 183 -23.56 -6.33 21.96
C ALA A 183 -23.14 -7.10 20.71
N HIS A 184 -23.95 -8.06 20.28
CA HIS A 184 -23.60 -8.91 19.13
C HIS A 184 -23.47 -8.13 17.83
N ILE A 185 -24.35 -7.15 17.65
CA ILE A 185 -24.34 -6.33 16.44
C ILE A 185 -23.11 -5.47 16.36
N LEU A 186 -22.81 -4.79 17.46
CA LEU A 186 -21.56 -4.02 17.59
C LEU A 186 -20.31 -4.86 17.31
N ASN A 187 -20.30 -6.09 17.82
CA ASN A 187 -19.19 -7.05 17.54
C ASN A 187 -19.08 -7.39 16.07
N ASN A 188 -20.23 -7.73 15.47
CA ASN A 188 -20.33 -8.03 14.03
C ASN A 188 -19.90 -6.85 13.19
N LEU A 189 -20.34 -5.65 13.60
CA LEU A 189 -20.03 -4.39 12.92
C LEU A 189 -18.54 -4.13 12.93
N ASP A 190 -17.94 -4.25 14.12
CA ASP A 190 -16.48 -4.05 14.29
CA ASP A 190 -16.49 -4.03 14.26
C ASP A 190 -15.67 -5.07 13.50
N ASN A 191 -16.09 -6.33 13.55
CA ASN A 191 -15.41 -7.41 12.81
C ASN A 191 -15.52 -7.25 11.28
N PHE A 192 -16.67 -6.79 10.81
CA PHE A 192 -16.81 -6.53 9.39
C PHE A 192 -15.89 -5.34 8.95
N LYS A 193 -15.83 -4.28 9.78
CA LYS A 193 -14.93 -3.13 9.48
C LYS A 193 -13.51 -3.59 9.34
N GLN A 194 -13.07 -4.44 10.27
CA GLN A 194 -11.68 -4.93 10.29
C GLN A 194 -11.37 -5.84 9.10
N PHE A 195 -12.33 -6.67 8.70
CA PHE A 195 -12.15 -7.56 7.54
C PHE A 195 -12.17 -6.76 6.23
N ASP A 196 -13.19 -5.91 6.08
CA ASP A 196 -13.35 -5.15 4.85
C ASP A 196 -12.17 -4.20 4.65
N LYS A 197 -11.58 -3.73 5.75
CA LYS A 197 -10.41 -2.85 5.68
C LYS A 197 -9.30 -3.41 4.76
N VAL A 198 -9.03 -4.70 4.88
CA VAL A 198 -7.89 -5.32 4.17
C VAL A 198 -8.31 -5.93 2.84
N PHE A 199 -9.62 -5.86 2.52
CA PHE A 199 -10.16 -6.47 1.27
C PHE A 199 -9.38 -6.12 -0.01
N PRO A 200 -8.99 -4.84 -0.19
CA PRO A 200 -8.19 -4.53 -1.38
C PRO A 200 -6.95 -5.41 -1.53
N ALA A 201 -6.28 -5.67 -0.42
CA ALA A 201 -5.08 -6.53 -0.39
C ALA A 201 -5.41 -7.99 -0.69
N LEU A 202 -6.52 -8.46 -0.18
CA LEU A 202 -6.90 -9.83 -0.36
C LEU A 202 -7.18 -10.13 -1.82
N VAL A 203 -7.86 -9.21 -2.51
CA VAL A 203 -8.15 -9.42 -3.93
CA VAL A 203 -8.15 -9.33 -3.95
C VAL A 203 -6.85 -9.35 -4.77
N ALA A 204 -5.81 -8.69 -4.23
CA ALA A 204 -4.48 -8.64 -4.85
C ALA A 204 -3.71 -9.98 -4.71
N GLY A 205 -4.17 -10.85 -3.82
CA GLY A 205 -3.51 -12.15 -3.57
C GLY A 205 -2.63 -12.13 -2.32
N LEU A 206 -2.60 -11.00 -1.60
CA LEU A 206 -1.84 -10.94 -0.37
C LEU A 206 -2.52 -11.87 0.62
N PRO A 207 -1.74 -12.57 1.44
CA PRO A 207 -2.31 -13.51 2.38
C PRO A 207 -2.96 -12.80 3.53
N ILE A 208 -4.13 -13.28 3.95
CA ILE A 208 -4.83 -12.71 5.11
C ILE A 208 -4.04 -12.91 6.42
N HIS A 209 -3.14 -13.91 6.42
CA HIS A 209 -2.17 -14.12 7.53
C HIS A 209 -1.34 -12.90 7.84
N MET A 210 -1.11 -12.03 6.86
CA MET A 210 -0.33 -10.81 7.02
CA MET A 210 -0.29 -10.85 7.14
C MET A 210 -1.10 -9.78 7.86
N PHE A 211 -2.39 -10.04 8.07
CA PHE A 211 -3.26 -9.12 8.75
C PHE A 211 -3.99 -9.85 9.90
N ARG A 212 -3.29 -10.01 11.04
CA ARG A 212 -3.77 -10.90 12.14
C ARG A 212 -5.17 -10.53 12.63
N THR A 213 -5.38 -9.25 12.92
CA THR A 213 -6.69 -8.81 13.43
CA THR A 213 -6.68 -8.74 13.40
C THR A 213 -7.79 -8.98 12.37
N ALA A 214 -7.49 -8.69 11.12
CA ALA A 214 -8.46 -8.87 10.05
C ALA A 214 -8.80 -10.32 9.89
N HIS A 215 -7.80 -11.18 10.00
CA HIS A 215 -8.00 -12.59 9.85
C HIS A 215 -8.91 -13.13 10.94
N ASN A 216 -8.61 -12.77 12.18
CA ASN A 216 -9.46 -13.11 13.34
C ASN A 216 -10.90 -12.62 13.16
N ALA A 217 -11.04 -11.38 12.67
CA ALA A 217 -12.35 -10.76 12.42
C ALA A 217 -13.13 -11.52 11.39
N ARG A 218 -12.47 -11.91 10.30
CA ARG A 218 -13.14 -12.69 9.26
C ARG A 218 -13.67 -14.00 9.80
N GLU A 219 -12.87 -14.68 10.60
CA GLU A 219 -13.23 -15.99 11.09
C GLU A 219 -14.30 -15.93 12.18
N LYS A 220 -14.27 -14.89 13.02
CA LYS A 220 -15.34 -14.65 14.00
C LYS A 220 -16.67 -14.35 13.30
N LEU A 221 -16.63 -13.55 12.24
CA LEU A 221 -17.85 -13.31 11.41
C LEU A 221 -18.41 -14.61 10.85
N ALA A 222 -17.53 -15.44 10.30
CA ALA A 222 -17.94 -16.76 9.77
C ALA A 222 -18.59 -17.61 10.85
N GLU A 223 -17.98 -17.62 12.04
CA GLU A 223 -18.53 -18.33 13.21
C GLU A 223 -19.99 -17.91 13.51
N SER A 224 -20.26 -16.61 13.47
CA SER A 224 -21.62 -16.09 13.72
CA SER A 224 -21.62 -16.08 13.70
C SER A 224 -22.62 -16.52 12.61
N LEU A 225 -22.11 -16.89 11.45
CA LEU A 225 -22.97 -17.22 10.30
C LEU A 225 -22.98 -18.69 9.99
N ARG A 226 -22.48 -19.51 10.92
CA ARG A 226 -22.65 -20.96 10.81
C ARG A 226 -24.13 -21.24 10.82
N HIS A 227 -24.53 -22.30 10.13
CA HIS A 227 -25.94 -22.71 10.08
C HIS A 227 -26.55 -22.89 11.45
N GLU A 228 -25.80 -23.49 12.36
CA GLU A 228 -26.27 -23.68 13.75
C GLU A 228 -26.66 -22.34 14.42
N ASN A 229 -25.95 -21.28 14.08
CA ASN A 229 -26.23 -19.96 14.59
C ASN A 229 -27.34 -19.24 13.83
N LEU A 230 -27.38 -19.40 12.50
CA LEU A 230 -28.45 -18.80 11.70
C LEU A 230 -29.82 -19.40 12.00
N GLN A 231 -29.84 -20.68 12.37
CA GLN A 231 -31.09 -21.39 12.73
C GLN A 231 -31.75 -20.85 13.99
N LYS A 232 -31.01 -20.07 14.79
CA LYS A 232 -31.54 -19.41 15.98
C LYS A 232 -32.31 -18.12 15.65
N ARG A 233 -32.32 -17.71 14.38
CA ARG A 233 -32.80 -16.38 14.01
C ARG A 233 -34.16 -16.43 13.33
N GLU A 234 -34.86 -15.31 13.37
CA GLU A 234 -36.20 -15.19 12.79
C GLU A 234 -36.27 -14.06 11.78
N SER A 235 -37.22 -14.17 10.85
CA SER A 235 -37.35 -13.21 9.74
C SER A 235 -36.09 -13.16 8.87
N ILE A 236 -35.53 -14.33 8.61
CA ILE A 236 -34.35 -14.41 7.77
C ILE A 236 -34.79 -14.18 6.32
N SER A 237 -33.93 -13.50 5.55
CA SER A 237 -34.21 -13.26 4.15
C SER A 237 -34.39 -14.57 3.40
N GLU A 238 -35.18 -14.51 2.32
CA GLU A 238 -35.36 -15.66 1.43
CA GLU A 238 -35.37 -15.65 1.46
C GLU A 238 -34.02 -16.02 0.81
N LEU A 239 -33.21 -15.00 0.50
CA LEU A 239 -31.87 -15.24 -0.06
C LEU A 239 -31.04 -16.20 0.84
N ILE A 240 -30.91 -15.87 2.13
CA ILE A 240 -30.08 -16.70 3.04
C ILE A 240 -30.79 -18.08 3.33
N SER A 241 -32.10 -18.08 3.51
CA SER A 241 -32.87 -19.33 3.66
C SER A 241 -32.60 -20.26 2.50
N LEU A 242 -32.67 -19.75 1.28
CA LEU A 242 -32.42 -20.56 0.10
C LEU A 242 -30.98 -21.00 0.01
N ARG A 243 -30.04 -20.08 0.29
CA ARG A 243 -28.61 -20.40 0.24
C ARG A 243 -28.25 -21.47 1.25
N MET A 244 -28.81 -21.38 2.45
CA MET A 244 -28.68 -22.46 3.46
C MET A 244 -29.15 -23.80 2.87
N PHE A 245 -30.37 -23.80 2.35
CA PHE A 245 -30.94 -24.98 1.71
C PHE A 245 -30.08 -25.55 0.55
N LEU A 246 -29.55 -24.66 -0.29
CA LEU A 246 -28.77 -25.09 -1.46
C LEU A 246 -27.34 -25.49 -1.07
N ASN A 247 -26.81 -24.87 -0.02
CA ASN A 247 -25.57 -25.37 0.62
C ASN A 247 -25.73 -26.82 1.03
N ASP A 248 -26.81 -27.09 1.77
CA ASP A 248 -27.09 -28.42 2.31
C ASP A 248 -27.41 -29.46 1.22
N THR A 249 -28.16 -29.05 0.19
CA THR A 249 -28.67 -30.03 -0.82
C THR A 249 -27.85 -30.12 -2.10
N LEU A 250 -27.12 -29.04 -2.46
CA LEU A 250 -26.37 -29.01 -3.75
C LEU A 250 -24.86 -28.94 -3.60
N SER A 251 -24.36 -28.73 -2.38
CA SER A 251 -22.91 -28.61 -2.18
C SER A 251 -22.34 -29.73 -1.29
N THR A 252 -21.01 -29.89 -1.39
CA THR A 252 -20.26 -30.75 -0.50
C THR A 252 -19.33 -29.89 0.40
N PHE A 253 -19.73 -28.64 0.65
CA PHE A 253 -18.97 -27.74 1.52
C PHE A 253 -19.07 -28.20 2.95
N ASP A 254 -18.00 -28.01 3.72
CA ASP A 254 -18.06 -28.32 5.15
C ASP A 254 -18.75 -27.16 5.88
N ASP A 255 -18.93 -27.30 7.19
CA ASP A 255 -19.69 -26.28 7.97
C ASP A 255 -19.09 -24.88 7.88
N LEU A 256 -17.77 -24.78 7.99
CA LEU A 256 -17.10 -23.48 7.94
C LEU A 256 -17.24 -22.85 6.56
N GLU A 257 -17.03 -23.64 5.52
CA GLU A 257 -17.22 -23.16 4.15
C GLU A 257 -18.64 -22.67 3.90
N LYS A 258 -19.63 -23.39 4.44
CA LYS A 258 -21.02 -22.93 4.38
C LYS A 258 -21.19 -21.59 5.08
N ALA A 259 -20.56 -21.44 6.24
CA ALA A 259 -20.52 -20.13 6.92
C ALA A 259 -19.87 -19.04 6.04
N LYS A 260 -18.78 -19.39 5.34
CA LYS A 260 -18.07 -18.44 4.46
C LYS A 260 -18.96 -17.94 3.30
N THR A 261 -19.78 -18.83 2.72
CA THR A 261 -20.70 -18.45 1.65
C THR A 261 -21.72 -17.37 2.10
N HIS A 262 -22.09 -17.39 3.37
CA HIS A 262 -22.97 -16.37 3.95
C HIS A 262 -22.23 -15.08 4.22
N LEU A 263 -20.96 -15.19 4.61
CA LEU A 263 -20.08 -13.97 4.76
C LEU A 263 -19.86 -13.28 3.42
N VAL A 264 -19.76 -14.07 2.35
CA VAL A 264 -19.68 -13.52 1.03
C VAL A 264 -20.89 -12.62 0.78
N VAL A 265 -22.10 -13.12 1.10
CA VAL A 265 -23.32 -12.40 0.88
C VAL A 265 -23.43 -11.19 1.83
N LEU A 266 -22.96 -11.34 3.07
CA LEU A 266 -22.87 -10.19 3.98
C LEU A 266 -22.02 -9.08 3.31
N TRP A 267 -20.86 -9.45 2.84
CA TRP A 267 -19.97 -8.47 2.20
C TRP A 267 -20.68 -7.81 1.01
N ALA A 268 -21.23 -8.64 0.12
CA ALA A 268 -21.93 -8.16 -1.08
C ALA A 268 -23.03 -7.14 -0.74
N SER A 269 -23.78 -7.41 0.32
CA SER A 269 -24.88 -6.55 0.75
C SER A 269 -24.47 -5.27 1.46
N GLN A 270 -23.22 -5.19 1.93
CA GLN A 270 -22.78 -4.08 2.81
C GLN A 270 -21.70 -3.19 2.20
N ALA A 271 -20.75 -3.79 1.46
CA ALA A 271 -19.50 -3.11 1.10
C ALA A 271 -19.67 -1.93 0.20
N ASN A 272 -20.76 -1.92 -0.56
CA ASN A 272 -21.06 -0.83 -1.46
C ASN A 272 -22.17 0.04 -0.95
N THR A 273 -23.14 -0.58 -0.28
CA THR A 273 -24.27 0.11 0.23
C THR A 273 -23.89 1.15 1.25
N ILE A 274 -22.95 0.84 2.15
CA ILE A 274 -22.54 1.79 3.17
C ILE A 274 -21.89 3.06 2.57
N PRO A 275 -20.87 2.92 1.73
CA PRO A 275 -20.33 4.15 1.13
C PRO A 275 -21.34 4.89 0.20
N ALA A 276 -22.20 4.15 -0.51
CA ALA A 276 -23.27 4.73 -1.35
C ALA A 276 -24.21 5.61 -0.52
N THR A 277 -24.59 5.10 0.65
CA THR A 277 -25.47 5.83 1.56
C THR A 277 -24.78 7.08 2.10
N PHE A 278 -23.51 6.97 2.46
CA PHE A 278 -22.75 8.13 2.91
C PHE A 278 -22.77 9.23 1.88
N TRP A 279 -22.45 8.89 0.64
CA TRP A 279 -22.30 9.91 -0.39
C TRP A 279 -23.62 10.54 -0.72
N SER A 280 -24.68 9.74 -0.74
CA SER A 280 -26.00 10.27 -1.03
C SER A 280 -26.45 11.24 0.07
N LEU A 281 -26.21 10.88 1.33
CA LEU A 281 -26.56 11.74 2.47
C LEU A 281 -25.74 13.03 2.47
N PHE A 282 -24.44 12.89 2.32
CA PHE A 282 -23.52 14.02 2.31
C PHE A 282 -23.85 15.02 1.21
N GLN A 283 -23.99 14.54 -0.02
CA GLN A 283 -24.25 15.41 -1.18
C GLN A 283 -25.58 16.08 -1.07
N MET A 284 -26.56 15.37 -0.51
CA MET A 284 -27.88 15.94 -0.30
C MET A 284 -27.83 17.09 0.71
N ILE A 285 -27.16 16.86 1.84
CA ILE A 285 -27.06 17.88 2.90
C ILE A 285 -26.16 19.07 2.47
N ARG A 286 -25.07 18.75 1.78
CA ARG A 286 -24.07 19.75 1.31
C ARG A 286 -24.61 20.78 0.31
N ASN A 287 -25.56 20.35 -0.53
CA ASN A 287 -26.10 21.15 -1.62
C ASN A 287 -27.54 21.56 -1.31
N PRO A 288 -27.74 22.84 -0.86
CA PRO A 288 -29.07 23.35 -0.42
C PRO A 288 -30.21 23.07 -1.38
N GLU A 289 -29.95 23.21 -2.69
CA GLU A 289 -30.96 22.90 -3.74
C GLU A 289 -31.41 21.44 -3.70
N ALA A 290 -30.44 20.53 -3.51
CA ALA A 290 -30.74 19.10 -3.41
C ALA A 290 -31.57 18.83 -2.15
N MET A 291 -31.13 19.37 -1.02
CA MET A 291 -31.83 19.23 0.24
C MET A 291 -33.28 19.74 0.13
N LYS A 292 -33.44 20.93 -0.44
CA LYS A 292 -34.77 21.50 -0.68
C LYS A 292 -35.63 20.57 -1.57
N ALA A 293 -35.06 20.11 -2.69
CA ALA A 293 -35.81 19.27 -3.64
C ALA A 293 -36.20 17.93 -3.03
N ALA A 294 -35.26 17.31 -2.33
CA ALA A 294 -35.50 16.01 -1.69
C ALA A 294 -36.56 16.13 -0.59
N THR A 295 -36.42 17.16 0.24
CA THR A 295 -37.38 17.39 1.33
C THR A 295 -38.83 17.55 0.80
N GLU A 296 -39.00 18.33 -0.26
CA GLU A 296 -40.32 18.53 -0.87
C GLU A 296 -40.89 17.24 -1.47
N GLU A 297 -40.05 16.51 -2.20
CA GLU A 297 -40.47 15.25 -2.79
C GLU A 297 -40.95 14.26 -1.74
N VAL A 298 -40.16 14.09 -0.68
CA VAL A 298 -40.48 13.14 0.38
C VAL A 298 -41.71 13.59 1.17
N LYS A 299 -41.78 14.89 1.48
CA LYS A 299 -42.94 15.44 2.21
C LYS A 299 -44.24 15.20 1.43
N ARG A 300 -44.21 15.47 0.13
CA ARG A 300 -45.35 15.26 -0.75
C ARG A 300 -45.74 13.78 -0.83
N THR A 301 -44.76 12.89 -0.97
CA THR A 301 -45.05 11.44 -1.06
C THR A 301 -45.69 10.91 0.24
N LEU A 302 -45.17 11.33 1.39
CA LEU A 302 -45.74 10.91 2.68
C LEU A 302 -47.14 11.51 2.89
N GLU A 303 -47.32 12.78 2.50
CA GLU A 303 -48.64 13.44 2.51
C GLU A 303 -49.64 12.68 1.69
N ASN A 304 -49.29 12.44 0.42
CA ASN A 304 -50.16 11.73 -0.52
C ASN A 304 -50.44 10.30 -0.14
N ALA A 305 -49.48 9.67 0.56
CA ALA A 305 -49.60 8.27 0.99
C ALA A 305 -50.30 8.14 2.34
N GLY A 306 -50.74 9.28 2.91
CA GLY A 306 -51.38 9.31 4.23
C GLY A 306 -50.49 8.82 5.39
N GLN A 307 -49.17 8.95 5.24
CA GLN A 307 -48.22 8.44 6.22
C GLN A 307 -47.76 9.53 7.14
N LYS A 308 -48.10 9.42 8.43
CA LYS A 308 -47.63 10.36 9.46
C LYS A 308 -46.25 9.96 9.93
N VAL A 309 -45.40 10.94 10.21
CA VAL A 309 -44.08 10.71 10.80
C VAL A 309 -44.13 10.89 12.31
N SER A 310 -43.72 9.85 13.04
CA SER A 310 -43.53 9.95 14.48
C SER A 310 -42.32 9.13 14.92
N LEU A 311 -41.66 9.57 15.98
CA LEU A 311 -40.51 8.85 16.53
C LEU A 311 -40.96 7.61 17.33
N GLU A 312 -42.22 7.60 17.74
CA GLU A 312 -42.84 6.44 18.40
C GLU A 312 -44.25 6.23 17.85
N GLY A 313 -44.73 4.99 17.90
CA GLY A 313 -46.07 4.66 17.39
C GLY A 313 -46.03 4.25 15.92
N ASN A 314 -47.09 4.63 15.18
CA ASN A 314 -47.31 4.17 13.78
C ASN A 314 -46.08 4.33 12.86
N PRO A 315 -45.65 3.24 12.17
CA PRO A 315 -44.56 3.31 11.20
C PRO A 315 -45.00 3.72 9.78
N ILE A 316 -44.04 4.16 8.97
CA ILE A 316 -44.29 4.53 7.56
C ILE A 316 -44.35 3.26 6.70
N CYS A 317 -45.44 3.14 5.92
CA CYS A 317 -45.62 2.05 4.96
C CYS A 317 -45.88 2.63 3.59
N LEU A 318 -44.86 2.58 2.73
CA LEU A 318 -44.98 3.06 1.38
C LEU A 318 -45.20 1.89 0.45
N SER A 319 -45.97 2.12 -0.61
CA SER A 319 -46.15 1.12 -1.64
C SER A 319 -44.89 0.99 -2.45
N GLN A 320 -44.82 -0.06 -3.24
CA GLN A 320 -43.68 -0.30 -4.08
C GLN A 320 -43.55 0.83 -5.14
N ALA A 321 -44.68 1.25 -5.71
CA ALA A 321 -44.74 2.38 -6.65
C ALA A 321 -44.36 3.71 -5.99
N GLU A 322 -44.80 3.92 -4.75
CA GLU A 322 -44.47 5.15 -4.02
C GLU A 322 -42.96 5.25 -3.76
N LEU A 323 -42.32 4.12 -3.46
CA LEU A 323 -40.86 4.11 -3.23
C LEU A 323 -40.09 4.29 -4.55
N ASN A 324 -40.56 3.62 -5.63
CA ASN A 324 -39.87 3.68 -6.93
C ASN A 324 -40.00 5.02 -7.63
N ASP A 325 -41.16 5.67 -7.48
CA ASP A 325 -41.43 6.95 -8.15
C ASP A 325 -40.96 8.13 -7.32
N LEU A 326 -39.65 8.20 -7.13
CA LEU A 326 -39.00 9.28 -6.38
C LEU A 326 -37.80 9.76 -7.23
N PRO A 327 -38.09 10.49 -8.31
CA PRO A 327 -37.04 10.81 -9.28
C PRO A 327 -35.97 11.75 -8.75
N VAL A 328 -36.32 12.64 -7.80
CA VAL A 328 -35.33 13.53 -7.19
C VAL A 328 -34.35 12.71 -6.33
N LEU A 329 -34.87 11.79 -5.51
CA LEU A 329 -34.01 10.93 -4.70
C LEU A 329 -33.18 10.03 -5.59
N ASP A 330 -33.81 9.44 -6.59
CA ASP A 330 -33.11 8.64 -7.62
C ASP A 330 -31.96 9.41 -8.25
N SER A 331 -32.21 10.65 -8.61
CA SER A 331 -31.17 11.50 -9.25
C SER A 331 -30.02 11.83 -8.29
N ILE A 332 -30.36 12.17 -7.05
CA ILE A 332 -29.37 12.41 -6.00
C ILE A 332 -28.48 11.18 -5.79
N ILE A 333 -29.08 10.00 -5.66
CA ILE A 333 -28.33 8.75 -5.53
C ILE A 333 -27.48 8.46 -6.78
N LYS A 334 -28.05 8.54 -7.96
CA LYS A 334 -27.30 8.31 -9.20
C LYS A 334 -26.12 9.28 -9.34
N GLU A 335 -26.33 10.55 -8.98
CA GLU A 335 -25.27 11.57 -9.11
C GLU A 335 -24.20 11.40 -8.03
N SER A 336 -24.59 10.81 -6.89
CA SER A 336 -23.62 10.48 -5.85
C SER A 336 -22.74 9.31 -6.26
N LEU A 337 -23.33 8.30 -6.85
CA LEU A 337 -22.60 7.15 -7.34
C LEU A 337 -21.77 7.47 -8.59
N ARG A 338 -22.26 8.35 -9.45
CA ARG A 338 -21.48 8.78 -10.63
C ARG A 338 -20.12 9.34 -10.17
N LEU A 339 -20.13 10.08 -9.11
CA LEU A 339 -18.94 10.70 -8.59
C LEU A 339 -18.07 9.75 -7.75
N SER A 340 -18.65 8.73 -7.10
CA SER A 340 -17.87 7.87 -6.15
C SER A 340 -17.56 6.41 -6.66
N SER A 341 -18.25 5.96 -7.70
CA SER A 341 -18.11 4.63 -8.18
C SER A 341 -16.73 4.39 -8.80
N ALA A 342 -16.06 3.29 -8.41
CA ALA A 342 -14.80 2.87 -9.02
C ALA A 342 -14.81 1.36 -9.19
N SER A 343 -15.71 0.88 -10.03
CA SER A 343 -15.83 -0.54 -10.30
C SER A 343 -14.90 -0.98 -11.42
N LEU A 344 -14.48 -2.25 -11.34
CA LEU A 344 -13.86 -2.95 -12.45
C LEU A 344 -14.90 -3.93 -12.99
N ASN A 345 -15.27 -3.77 -14.26
CA ASN A 345 -16.20 -4.66 -14.94
C ASN A 345 -15.35 -5.61 -15.82
N ILE A 346 -15.42 -6.90 -15.55
CA ILE A 346 -14.43 -7.86 -16.06
C ILE A 346 -15.06 -9.07 -16.74
N ARG A 347 -14.40 -9.57 -17.76
CA ARG A 347 -14.65 -10.91 -18.25
C ARG A 347 -13.34 -11.48 -18.74
N THR A 348 -13.29 -12.79 -18.85
CA THR A 348 -12.07 -13.49 -19.19
C THR A 348 -12.21 -14.10 -20.57
N ALA A 349 -11.14 -14.01 -21.36
CA ALA A 349 -11.12 -14.58 -22.71
C ALA A 349 -11.14 -16.10 -22.62
N LYS A 350 -12.16 -16.71 -23.21
CA LYS A 350 -12.27 -18.18 -23.25
C LYS A 350 -11.22 -18.84 -24.19
N GLU A 351 -10.89 -18.17 -25.28
CA GLU A 351 -9.86 -18.63 -26.19
C GLU A 351 -9.15 -17.42 -26.77
N ASP A 352 -8.13 -17.65 -27.59
CA ASP A 352 -7.60 -16.60 -28.45
C ASP A 352 -8.69 -16.13 -29.36
N PHE A 353 -8.86 -14.81 -29.48
CA PHE A 353 -9.84 -14.24 -30.42
C PHE A 353 -9.55 -12.79 -30.71
N THR A 354 -10.23 -12.25 -31.70
CA THR A 354 -10.10 -10.84 -32.04
C THR A 354 -11.33 -10.13 -31.56
N LEU A 355 -11.10 -9.08 -30.75
CA LEU A 355 -12.17 -8.24 -30.23
C LEU A 355 -12.32 -7.07 -31.17
N HIS A 356 -13.53 -6.88 -31.73
CA HIS A 356 -13.77 -5.81 -32.70
C HIS A 356 -14.46 -4.66 -32.04
N LEU A 357 -13.80 -3.52 -31.98
CA LEU A 357 -14.32 -2.36 -31.27
C LEU A 357 -14.59 -1.18 -32.21
N GLU A 358 -14.91 -0.02 -31.65
CA GLU A 358 -15.26 1.18 -32.43
C GLU A 358 -14.16 1.55 -33.42
N ASP A 359 -12.98 1.89 -32.89
CA ASP A 359 -11.90 2.45 -33.70
C ASP A 359 -11.02 1.34 -34.29
N GLY A 360 -10.86 0.23 -33.54
CA GLY A 360 -9.98 -0.83 -33.97
C GLY A 360 -10.39 -2.23 -33.57
N SER A 361 -9.58 -3.19 -34.01
CA SER A 361 -9.72 -4.59 -33.69
C SER A 361 -8.44 -5.03 -32.97
N TYR A 362 -8.59 -5.90 -31.98
CA TYR A 362 -7.47 -6.25 -31.09
C TYR A 362 -7.45 -7.73 -30.83
N ASN A 363 -6.28 -8.32 -30.99
CA ASN A 363 -6.09 -9.71 -30.67
C ASN A 363 -5.97 -9.88 -29.16
N ILE A 364 -6.76 -10.83 -28.63
CA ILE A 364 -6.83 -11.12 -27.19
C ILE A 364 -6.42 -12.58 -27.02
N ARG A 365 -5.62 -12.87 -25.99
CA ARG A 365 -5.20 -14.26 -25.72
C ARG A 365 -6.15 -14.91 -24.74
N LYS A 366 -6.24 -16.23 -24.84
CA LYS A 366 -6.98 -17.02 -23.88
C LYS A 366 -6.51 -16.68 -22.47
N ASP A 367 -7.46 -16.55 -21.55
CA ASP A 367 -7.19 -16.25 -20.13
C ASP A 367 -6.85 -14.77 -19.83
N ASP A 368 -6.71 -13.94 -20.88
CA ASP A 368 -6.58 -12.51 -20.68
C ASP A 368 -7.88 -11.97 -20.11
N ILE A 369 -7.79 -10.85 -19.42
CA ILE A 369 -8.96 -10.16 -18.91
C ILE A 369 -9.28 -8.98 -19.78
N ILE A 370 -10.55 -8.81 -20.08
CA ILE A 370 -11.04 -7.63 -20.76
C ILE A 370 -11.82 -6.82 -19.72
N ALA A 371 -11.33 -5.61 -19.43
CA ALA A 371 -11.87 -4.79 -18.33
C ALA A 371 -12.39 -3.44 -18.81
N LEU A 372 -13.47 -2.99 -18.15
CA LEU A 372 -13.89 -1.62 -18.18
C LEU A 372 -13.65 -1.01 -16.82
N TYR A 373 -13.37 0.28 -16.81
CA TYR A 373 -13.27 1.03 -15.59
C TYR A 373 -14.18 2.25 -15.76
N PRO A 374 -15.50 2.06 -15.49
CA PRO A 374 -16.48 3.07 -15.93
C PRO A 374 -16.40 4.42 -15.27
N GLN A 375 -15.66 4.55 -14.17
CA GLN A 375 -15.38 5.88 -13.61
C GLN A 375 -14.81 6.84 -14.72
N LEU A 376 -14.09 6.29 -15.68
CA LEU A 376 -13.55 7.06 -16.81
C LEU A 376 -14.66 7.69 -17.64
N MET A 377 -15.76 6.95 -17.77
CA MET A 377 -16.94 7.43 -18.49
CA MET A 377 -16.92 7.42 -18.50
C MET A 377 -17.77 8.38 -17.61
N HIS A 378 -18.00 7.97 -16.37
CA HIS A 378 -18.76 8.78 -15.37
C HIS A 378 -18.24 10.16 -15.20
N LEU A 379 -16.92 10.31 -15.28
CA LEU A 379 -16.26 11.64 -15.10
C LEU A 379 -15.82 12.26 -16.44
N ASP A 380 -16.34 11.75 -17.54
CA ASP A 380 -15.99 12.25 -18.87
C ASP A 380 -16.75 13.53 -19.17
N PRO A 381 -16.03 14.68 -19.35
CA PRO A 381 -16.72 15.94 -19.59
C PRO A 381 -17.48 16.00 -20.93
N GLU A 382 -17.12 15.15 -21.87
CA GLU A 382 -17.87 15.03 -23.15
C GLU A 382 -19.30 14.50 -22.94
N ILE A 383 -19.49 13.69 -21.91
CA ILE A 383 -20.79 13.07 -21.62
C ILE A 383 -21.51 13.81 -20.49
N TYR A 384 -20.74 14.19 -19.47
CA TYR A 384 -21.25 14.86 -18.28
C TYR A 384 -20.53 16.19 -18.06
N PRO A 385 -21.07 17.30 -18.64
CA PRO A 385 -20.44 18.63 -18.47
C PRO A 385 -20.31 19.03 -16.97
N ASP A 386 -19.19 19.68 -16.64
CA ASP A 386 -18.77 19.92 -15.23
C ASP A 386 -18.84 18.59 -14.42
N PRO A 387 -18.04 17.59 -14.85
CA PRO A 387 -18.15 16.22 -14.33
C PRO A 387 -17.81 16.07 -12.86
N LEU A 388 -17.00 16.99 -12.32
CA LEU A 388 -16.62 16.92 -10.91
C LEU A 388 -17.58 17.69 -10.00
N THR A 389 -18.61 18.31 -10.58
CA THR A 389 -19.63 19.03 -9.83
C THR A 389 -20.82 18.13 -9.55
N PHE A 390 -21.29 18.11 -8.31
CA PHE A 390 -22.53 17.43 -7.97
C PHE A 390 -23.74 18.26 -8.43
N LYS A 391 -24.48 17.75 -9.39
CA LYS A 391 -25.68 18.36 -9.87
C LYS A 391 -26.82 17.44 -9.51
N TYR A 392 -27.59 17.81 -8.49
CA TYR A 392 -28.61 16.90 -7.94
C TYR A 392 -29.65 16.52 -8.98
N ASP A 393 -29.88 17.41 -9.96
CA ASP A 393 -30.83 17.18 -11.03
C ASP A 393 -30.21 16.60 -12.31
N ARG A 394 -28.99 16.06 -12.22
CA ARG A 394 -28.29 15.62 -13.43
C ARG A 394 -29.04 14.51 -14.16
N TYR A 395 -29.76 13.70 -13.40
CA TYR A 395 -30.53 12.61 -13.97
C TYR A 395 -32.04 12.89 -13.92
N LEU A 396 -32.41 14.18 -13.99
CA LEU A 396 -33.80 14.61 -14.13
C LEU A 396 -33.94 15.34 -15.46
N ASP A 397 -34.99 15.01 -16.22
CA ASP A 397 -35.31 15.74 -17.47
C ASP A 397 -36.15 16.97 -17.14
N GLU A 398 -36.56 17.72 -18.18
CA GLU A 398 -37.35 18.97 -17.98
C GLU A 398 -38.70 18.71 -17.28
N ASN A 399 -39.24 17.50 -17.48
CA ASN A 399 -40.50 17.08 -16.85
C ASN A 399 -40.35 16.57 -15.41
N GLY A 400 -39.12 16.58 -14.88
CA GLY A 400 -38.86 16.12 -13.52
C GLY A 400 -38.93 14.61 -13.36
N LYS A 401 -38.83 13.90 -14.48
CA LYS A 401 -38.75 12.46 -14.50
C LYS A 401 -37.30 12.06 -14.77
N THR A 402 -37.01 10.80 -14.58
CA THR A 402 -35.66 10.28 -14.71
C THR A 402 -35.11 10.41 -16.15
N LYS A 403 -33.99 11.14 -16.28
CA LYS A 403 -33.38 11.42 -17.58
C LYS A 403 -32.59 10.23 -18.02
N THR A 404 -32.77 9.84 -19.27
CA THR A 404 -32.12 8.67 -19.82
C THR A 404 -31.36 8.96 -21.12
N THR A 405 -31.15 10.22 -21.46
CA THR A 405 -30.51 10.59 -22.73
CA THR A 405 -30.52 10.57 -22.72
C THR A 405 -29.18 11.26 -22.48
N PHE A 406 -28.11 10.55 -22.82
CA PHE A 406 -26.78 11.06 -22.67
C PHE A 406 -26.02 10.67 -23.88
N TYR A 407 -25.06 11.51 -24.28
CA TYR A 407 -24.41 11.40 -25.56
C TYR A 407 -22.90 11.44 -25.44
N CYS A 408 -22.24 10.73 -26.34
CA CYS A 408 -20.79 10.81 -26.50
C CYS A 408 -20.49 10.97 -27.99
N ASN A 409 -19.79 12.08 -28.33
CA ASN A 409 -19.54 12.44 -29.74
C ASN A 409 -20.86 12.53 -30.54
N GLY A 410 -21.90 13.11 -29.92
CA GLY A 410 -23.21 13.22 -30.52
C GLY A 410 -24.05 11.93 -30.56
N LEU A 411 -23.46 10.79 -30.18
CA LEU A 411 -24.16 9.50 -30.26
C LEU A 411 -24.79 9.15 -28.92
N LYS A 412 -26.03 8.73 -28.96
CA LYS A 412 -26.79 8.42 -27.75
C LYS A 412 -26.22 7.15 -27.12
N LEU A 413 -25.88 7.21 -25.84
CA LEU A 413 -25.29 6.08 -25.11
C LEU A 413 -26.35 5.16 -24.54
N LYS A 414 -26.15 3.85 -24.72
CA LYS A 414 -26.96 2.85 -24.03
C LYS A 414 -26.43 2.69 -22.60
N TYR A 415 -25.10 2.70 -22.48
CA TYR A 415 -24.43 2.50 -21.20
C TYR A 415 -23.75 3.76 -20.79
N TYR A 416 -24.41 4.54 -19.93
CA TYR A 416 -23.91 5.83 -19.49
C TYR A 416 -23.79 5.92 -17.94
N TYR A 417 -24.42 4.98 -17.24
CA TYR A 417 -24.43 4.95 -15.77
C TYR A 417 -24.24 3.48 -15.35
N MET A 418 -23.12 3.17 -14.75
CA MET A 418 -22.69 1.79 -14.56
C MET A 418 -22.21 1.41 -13.15
N PRO A 419 -22.64 2.13 -12.08
CA PRO A 419 -22.06 1.75 -10.80
C PRO A 419 -22.44 0.34 -10.33
N PHE A 420 -23.53 -0.21 -10.89
CA PHE A 420 -23.98 -1.57 -10.57
C PHE A 420 -23.54 -2.53 -11.64
N GLY A 421 -22.74 -2.06 -12.59
CA GLY A 421 -22.39 -2.85 -13.77
C GLY A 421 -23.48 -2.77 -14.81
N SER A 422 -23.45 -3.70 -15.75
CA SER A 422 -24.43 -3.76 -16.87
C SER A 422 -24.38 -5.12 -17.50
N GLY A 423 -25.38 -5.41 -18.33
CA GLY A 423 -25.45 -6.68 -19.04
C GLY A 423 -25.62 -7.83 -18.08
N ALA A 424 -24.83 -8.88 -18.26
CA ALA A 424 -24.80 -10.04 -17.35
C ALA A 424 -23.96 -9.72 -16.11
N THR A 425 -22.93 -8.89 -16.30
CA THR A 425 -22.07 -8.45 -15.24
C THR A 425 -22.73 -7.26 -14.55
N ILE A 426 -23.82 -7.55 -13.83
CA ILE A 426 -24.62 -6.51 -13.14
C ILE A 426 -25.04 -6.96 -11.73
N CYS A 427 -25.10 -6.00 -10.81
CA CYS A 427 -25.45 -6.32 -9.45
C CYS A 427 -26.90 -6.81 -9.35
N PRO A 428 -27.13 -8.08 -8.92
CA PRO A 428 -28.51 -8.55 -8.74
C PRO A 428 -29.26 -7.84 -7.60
N GLY A 429 -28.51 -7.21 -6.69
CA GLY A 429 -29.09 -6.47 -5.55
C GLY A 429 -29.40 -4.99 -5.79
N ARG A 430 -29.24 -4.55 -7.04
CA ARG A 430 -29.31 -3.09 -7.38
C ARG A 430 -30.61 -2.42 -7.01
N LEU A 431 -31.75 -3.06 -7.29
CA LEU A 431 -33.07 -2.51 -6.97
CA LEU A 431 -33.03 -2.43 -6.96
C LEU A 431 -33.28 -2.44 -5.45
N PHE A 432 -32.83 -3.50 -4.75
CA PHE A 432 -32.89 -3.50 -3.30
C PHE A 432 -31.97 -2.41 -2.72
N ALA A 433 -30.78 -2.27 -3.29
CA ALA A 433 -29.83 -1.21 -2.89
C ALA A 433 -30.45 0.15 -2.98
N ILE A 434 -31.04 0.45 -4.13
CA ILE A 434 -31.69 1.78 -4.32
C ILE A 434 -32.83 1.98 -3.33
N HIS A 435 -33.64 0.95 -3.13
CA HIS A 435 -34.67 0.97 -2.10
C HIS A 435 -34.16 1.29 -0.72
N GLU A 436 -33.11 0.60 -0.27
CA GLU A 436 -32.61 0.83 1.09
C GLU A 436 -32.01 2.20 1.29
N ILE A 437 -31.31 2.71 0.28
CA ILE A 437 -30.77 4.08 0.36
C ILE A 437 -31.93 5.11 0.38
N LYS A 438 -32.92 4.92 -0.50
CA LYS A 438 -34.12 5.79 -0.49
C LYS A 438 -34.76 5.77 0.85
N GLN A 439 -34.99 4.57 1.40
CA GLN A 439 -35.61 4.43 2.72
C GLN A 439 -34.81 5.16 3.82
N PHE A 440 -33.49 4.99 3.78
CA PHE A 440 -32.61 5.69 4.72
C PHE A 440 -32.77 7.21 4.60
N LEU A 441 -32.72 7.72 3.37
CA LEU A 441 -32.85 9.16 3.10
C LEU A 441 -34.23 9.70 3.54
N ILE A 442 -35.28 8.96 3.22
CA ILE A 442 -36.63 9.31 3.64
C ILE A 442 -36.68 9.48 5.18
N LEU A 443 -36.17 8.47 5.91
CA LEU A 443 -36.20 8.52 7.38
C LEU A 443 -35.29 9.60 7.96
N MET A 444 -34.16 9.87 7.31
CA MET A 444 -33.29 10.97 7.74
C MET A 444 -34.00 12.29 7.61
N LEU A 445 -34.62 12.53 6.46
CA LEU A 445 -35.35 13.79 6.23
C LEU A 445 -36.56 13.94 7.15
N SER A 446 -37.18 12.82 7.51
CA SER A 446 -38.40 12.81 8.31
C SER A 446 -38.14 12.88 9.80
N TYR A 447 -37.09 12.19 10.28
CA TYR A 447 -36.77 12.12 11.71
C TYR A 447 -35.86 13.18 12.22
N PHE A 448 -35.03 13.76 11.35
CA PHE A 448 -33.96 14.63 11.82
C PHE A 448 -33.94 15.97 11.14
N GLU A 449 -33.51 16.99 11.89
CA GLU A 449 -32.89 18.18 11.30
C GLU A 449 -31.42 17.85 11.15
N LEU A 450 -30.79 18.35 10.08
CA LEU A 450 -29.45 17.92 9.68
C LEU A 450 -28.60 19.10 9.26
N GLU A 451 -27.34 19.09 9.70
CA GLU A 451 -26.40 20.17 9.41
C GLU A 451 -24.99 19.62 9.30
N LEU A 452 -24.19 20.21 8.42
CA LEU A 452 -22.74 19.97 8.41
C LEU A 452 -22.10 20.93 9.42
N ILE A 453 -20.87 20.64 9.82
CA ILE A 453 -20.13 21.49 10.76
C ILE A 453 -19.37 22.60 10.00
N ALA A 457 -18.24 21.67 6.06
CA ALA A 457 -17.17 20.71 5.75
C ALA A 457 -17.00 20.55 4.23
N LYS A 458 -15.77 20.78 3.74
CA LYS A 458 -15.43 20.61 2.29
C LYS A 458 -15.51 19.13 1.87
N CYS A 459 -15.64 18.90 0.55
CA CYS A 459 -15.85 17.54 0.03
C CYS A 459 -14.56 16.70 0.10
N PRO A 460 -14.59 15.59 0.86
CA PRO A 460 -13.35 14.86 0.95
C PRO A 460 -13.02 14.17 -0.37
N PRO A 461 -11.74 13.87 -0.59
CA PRO A 461 -11.40 13.12 -1.77
C PRO A 461 -11.80 11.68 -1.59
N LEU A 462 -11.89 10.96 -2.68
CA LEU A 462 -12.18 9.55 -2.64
C LEU A 462 -10.95 8.80 -2.19
N ASP A 463 -11.17 7.74 -1.47
CA ASP A 463 -10.11 6.87 -1.06
C ASP A 463 -9.91 5.83 -2.14
N GLN A 464 -8.91 6.05 -2.99
CA GLN A 464 -8.67 5.15 -4.13
C GLN A 464 -7.96 3.86 -3.79
N SER A 465 -7.65 3.62 -2.52
CA SER A 465 -7.05 2.33 -2.14
C SER A 465 -8.01 1.18 -2.44
N ARG A 466 -9.32 1.48 -2.52
CA ARG A 466 -10.34 0.46 -2.86
C ARG A 466 -10.74 0.46 -4.35
N ALA A 467 -9.95 1.16 -5.19
CA ALA A 467 -10.17 1.21 -6.63
C ALA A 467 -10.42 -0.15 -7.18
N GLY A 468 -11.54 -0.30 -7.90
CA GLY A 468 -11.95 -1.61 -8.49
C GLY A 468 -13.01 -2.35 -7.70
N LEU A 469 -13.23 -1.95 -6.43
CA LEU A 469 -14.10 -2.72 -5.50
C LEU A 469 -15.52 -2.19 -5.40
N GLY A 470 -15.78 -1.06 -6.08
CA GLY A 470 -17.11 -0.48 -6.12
C GLY A 470 -17.10 0.96 -5.72
N ILE A 471 -18.00 1.30 -4.79
CA ILE A 471 -18.17 2.66 -4.34
C ILE A 471 -17.07 3.01 -3.38
N LEU A 472 -16.28 4.04 -3.72
CA LEU A 472 -15.19 4.47 -2.93
C LEU A 472 -15.65 5.31 -1.75
N PRO A 473 -15.13 5.02 -0.56
CA PRO A 473 -15.39 5.82 0.60
C PRO A 473 -14.57 7.10 0.59
N PRO A 474 -14.94 8.08 1.44
CA PRO A 474 -14.13 9.26 1.57
C PRO A 474 -12.78 8.92 2.24
N LEU A 475 -11.73 9.66 1.90
CA LEU A 475 -10.43 9.44 2.49
C LEU A 475 -10.49 9.74 4.00
N ASN A 476 -11.27 10.76 4.37
CA ASN A 476 -11.54 11.04 5.77
CA ASN A 476 -11.54 11.11 5.76
C ASN A 476 -13.03 11.27 5.97
N ASP A 477 -13.51 10.91 7.15
CA ASP A 477 -14.90 11.15 7.51
C ASP A 477 -15.13 12.65 7.63
N ILE A 478 -16.36 13.08 7.55
CA ILE A 478 -16.73 14.45 7.84
C ILE A 478 -17.77 14.44 8.93
N GLU A 479 -17.64 15.40 9.84
CA GLU A 479 -18.59 15.51 10.94
C GLU A 479 -19.87 16.19 10.49
N PHE A 480 -20.97 15.70 11.03
CA PHE A 480 -22.24 16.37 10.85
C PHE A 480 -22.96 16.37 12.19
N LYS A 481 -24.02 17.14 12.27
CA LYS A 481 -24.85 17.13 13.47
C LYS A 481 -26.29 16.85 13.09
N TYR A 482 -26.98 16.17 13.97
CA TYR A 482 -28.35 15.82 13.78
C TYR A 482 -29.16 15.98 15.07
N LYS A 483 -30.44 16.20 14.92
CA LYS A 483 -31.35 16.40 16.03
C LYS A 483 -32.69 15.78 15.67
N PHE A 484 -33.21 14.93 16.55
CA PHE A 484 -34.52 14.33 16.33
C PHE A 484 -35.59 15.40 16.27
N LYS A 485 -36.55 15.23 15.37
CA LYS A 485 -37.74 16.08 15.34
C LYS A 485 -38.98 15.18 15.38
N HIS A 486 -40.16 15.78 15.29
CA HIS A 486 -41.48 15.04 15.40
C HIS A 486 -41.65 14.28 16.71
N HIS A 487 -41.16 14.88 17.80
CA HIS A 487 -41.38 14.37 19.15
C HIS A 487 -42.87 14.39 19.50
N HIS A 488 -43.24 13.75 20.62
CA HIS A 488 -44.65 13.75 21.11
C HIS A 488 -45.12 15.14 21.50
N SER B 7 -0.11 -22.78 -9.63
CA SER B 7 0.56 -22.25 -8.41
C SER B 7 1.64 -23.23 -7.96
N ARG B 8 2.39 -22.83 -6.93
CA ARG B 8 3.46 -23.68 -6.39
C ARG B 8 2.94 -24.48 -5.23
N ARG B 9 3.26 -25.76 -5.21
CA ARG B 9 2.90 -26.65 -4.11
C ARG B 9 4.16 -27.02 -3.35
N ARG B 10 4.08 -27.05 -2.02
CA ARG B 10 5.20 -27.46 -1.19
C ARG B 10 5.45 -28.93 -1.44
N GLN B 11 6.66 -29.26 -1.90
CA GLN B 11 7.05 -30.66 -2.10
C GLN B 11 7.70 -31.20 -0.84
N THR B 12 7.85 -32.52 -0.80
CA THR B 12 8.47 -33.19 0.33
C THR B 12 9.88 -32.69 0.51
N GLY B 13 10.22 -32.34 1.75
CA GLY B 13 11.56 -31.87 2.08
C GLY B 13 11.78 -30.38 1.96
N GLU B 14 10.80 -29.65 1.40
CA GLU B 14 10.90 -28.20 1.26
C GLU B 14 10.33 -27.54 2.51
N PRO B 15 10.74 -26.29 2.78
CA PRO B 15 10.22 -25.66 3.98
C PRO B 15 8.71 -25.46 3.92
N PRO B 16 8.09 -25.14 5.06
CA PRO B 16 6.69 -24.72 5.00
C PRO B 16 6.54 -23.55 4.03
N LEU B 17 5.50 -23.61 3.20
CA LEU B 17 5.27 -22.60 2.17
C LEU B 17 4.06 -21.79 2.56
N GLU B 18 4.24 -20.49 2.68
CA GLU B 18 3.13 -19.64 2.95
C GLU B 18 2.45 -19.26 1.65
N ASN B 19 1.13 -19.41 1.63
CA ASN B 19 0.29 -19.00 0.51
CA ASN B 19 0.34 -19.02 0.48
C ASN B 19 0.23 -17.48 0.41
N GLY B 20 -0.19 -17.00 -0.72
CA GLY B 20 -0.30 -15.60 -0.93
C GLY B 20 0.92 -15.03 -1.63
N LEU B 21 0.78 -13.80 -2.04
CA LEU B 21 1.74 -13.13 -2.85
C LEU B 21 2.03 -11.83 -2.15
N ILE B 22 3.30 -11.59 -1.81
CA ILE B 22 3.73 -10.35 -1.17
C ILE B 22 4.56 -9.54 -2.18
N PRO B 23 4.00 -8.45 -2.73
CA PRO B 23 4.72 -7.64 -3.72
C PRO B 23 6.09 -7.16 -3.24
N TYR B 24 6.10 -6.54 -2.07
CA TYR B 24 7.33 -6.14 -1.45
C TYR B 24 7.12 -6.14 0.05
N LEU B 25 8.22 -6.26 0.76
CA LEU B 25 8.17 -6.56 2.15
C LEU B 25 7.49 -5.46 2.98
N GLY B 26 7.62 -4.20 2.59
CA GLY B 26 6.95 -3.11 3.32
C GLY B 26 5.55 -2.72 2.83
N CYS B 27 4.89 -3.58 2.07
CA CYS B 27 3.59 -3.22 1.52
C CYS B 27 2.43 -3.34 2.54
N ALA B 28 1.32 -2.66 2.25
CA ALA B 28 0.05 -2.85 2.96
C ALA B 28 0.08 -2.43 4.41
N LEU B 29 0.98 -1.52 4.76
CA LEU B 29 1.03 -1.00 6.12
C LEU B 29 -0.26 -0.27 6.45
N GLN B 30 -0.83 0.39 5.46
CA GLN B 30 -2.11 1.09 5.61
C GLN B 30 -3.28 0.13 5.94
N PHE B 31 -3.10 -1.17 5.67
CA PHE B 31 -4.09 -2.19 6.01
C PHE B 31 -3.72 -2.95 7.30
N GLY B 32 -2.66 -2.50 7.98
CA GLY B 32 -2.24 -3.07 9.26
C GLY B 32 -1.10 -4.08 9.16
N ALA B 33 -0.40 -4.14 8.03
CA ALA B 33 0.74 -5.03 7.90
C ALA B 33 1.89 -4.54 8.80
N ASN B 34 2.73 -5.48 9.22
CA ASN B 34 3.92 -5.20 10.03
C ASN B 34 4.95 -6.27 9.65
N PRO B 35 5.92 -5.92 8.76
CA PRO B 35 6.88 -6.91 8.22
C PRO B 35 7.66 -7.66 9.30
N LEU B 36 8.14 -6.96 10.32
CA LEU B 36 8.91 -7.58 11.36
C LEU B 36 8.07 -8.63 12.08
N GLU B 37 6.86 -8.22 12.48
CA GLU B 37 5.98 -9.10 13.23
C GLU B 37 5.43 -10.22 12.35
N PHE B 38 5.29 -9.96 11.07
CA PHE B 38 4.90 -11.01 10.10
C PHE B 38 5.95 -12.14 10.04
N LEU B 39 7.22 -11.77 9.94
CA LEU B 39 8.31 -12.76 9.92
C LEU B 39 8.42 -13.48 11.27
N ARG B 40 8.23 -12.75 12.36
CA ARG B 40 8.24 -13.37 13.70
C ARG B 40 7.07 -14.32 13.88
N ALA B 41 5.90 -13.93 13.38
CA ALA B 41 4.69 -14.80 13.42
C ALA B 41 4.94 -16.09 12.66
N ASN B 42 5.57 -15.97 11.49
CA ASN B 42 5.92 -17.15 10.66
C ASN B 42 6.96 -18.06 11.34
N GLN B 43 7.87 -17.43 12.05
CA GLN B 43 8.87 -18.14 12.86
C GLN B 43 8.18 -19.01 13.96
N ARG B 44 7.22 -18.42 14.66
CA ARG B 44 6.45 -19.13 15.68
C ARG B 44 5.59 -20.22 15.09
N LYS B 45 4.97 -19.92 13.95
CA LYS B 45 4.07 -20.84 13.29
C LYS B 45 4.81 -22.00 12.63
N HIS B 46 5.95 -21.71 11.99
CA HIS B 46 6.62 -22.67 11.09
C HIS B 46 7.99 -23.07 11.48
N GLY B 47 8.60 -22.38 12.43
CA GLY B 47 9.98 -22.64 12.79
C GLY B 47 10.93 -21.72 12.06
N HIS B 48 12.19 -22.07 12.11
CA HIS B 48 13.26 -21.17 11.66
C HIS B 48 13.42 -21.00 10.17
N VAL B 49 12.81 -21.89 9.38
CA VAL B 49 12.86 -21.80 7.91
C VAL B 49 11.45 -21.90 7.32
N PHE B 50 11.09 -20.91 6.52
CA PHE B 50 9.79 -20.88 5.83
C PHE B 50 9.90 -20.11 4.51
N THR B 51 8.99 -20.38 3.60
CA THR B 51 9.05 -19.80 2.28
C THR B 51 7.87 -18.86 2.04
N CYS B 52 8.17 -17.69 1.50
CA CYS B 52 7.16 -16.72 1.07
C CYS B 52 7.37 -16.33 -0.38
N LYS B 53 6.27 -16.09 -1.12
CA LYS B 53 6.38 -15.48 -2.46
CA LYS B 53 6.33 -15.50 -2.46
C LYS B 53 6.52 -13.99 -2.28
N LEU B 54 7.70 -13.48 -2.55
CA LEU B 54 8.05 -12.10 -2.28
C LEU B 54 8.82 -11.53 -3.44
N MET B 55 8.48 -10.31 -3.85
CA MET B 55 9.12 -9.66 -4.98
C MET B 55 9.10 -10.56 -6.26
N GLY B 56 8.06 -11.38 -6.37
CA GLY B 56 7.90 -12.29 -7.51
C GLY B 56 8.80 -13.53 -7.50
N LYS B 57 9.48 -13.76 -6.37
CA LYS B 57 10.35 -14.93 -6.21
C LYS B 57 9.85 -15.77 -5.10
N TYR B 58 10.31 -17.00 -5.03
CA TYR B 58 10.10 -17.82 -3.86
C TYR B 58 11.28 -17.65 -2.93
N VAL B 59 11.03 -16.98 -1.79
CA VAL B 59 12.09 -16.58 -0.85
C VAL B 59 12.06 -17.44 0.42
N HIS B 60 13.15 -18.16 0.64
CA HIS B 60 13.32 -18.94 1.86
C HIS B 60 13.99 -18.08 2.89
N PHE B 61 13.28 -17.80 3.98
CA PHE B 61 13.84 -17.09 5.12
C PHE B 61 14.53 -18.08 6.06
N ILE B 62 15.79 -17.79 6.33
CA ILE B 62 16.59 -18.54 7.28
C ILE B 62 16.70 -17.64 8.48
N THR B 63 16.00 -17.98 9.56
CA THR B 63 15.89 -17.08 10.73
C THR B 63 16.65 -17.54 12.02
N ASN B 64 17.26 -18.72 11.98
CA ASN B 64 18.11 -19.19 13.09
C ASN B 64 19.46 -18.49 13.05
N PRO B 65 19.77 -17.68 14.08
CA PRO B 65 21.09 -17.02 14.06
C PRO B 65 22.25 -18.00 13.96
N LEU B 66 22.10 -19.21 14.52
CA LEU B 66 23.15 -20.26 14.45
C LEU B 66 23.29 -20.92 13.03
N SER B 67 22.39 -20.57 12.11
CA SER B 67 22.45 -21.10 10.73
C SER B 67 22.91 -20.07 9.71
N TYR B 68 23.11 -18.81 10.15
CA TYR B 68 23.52 -17.72 9.24
C TYR B 68 24.81 -18.08 8.52
N HIS B 69 25.76 -18.67 9.25
CA HIS B 69 27.08 -19.00 8.70
C HIS B 69 27.02 -19.95 7.53
N LYS B 70 25.97 -20.78 7.46
CA LYS B 70 25.82 -21.75 6.37
C LYS B 70 25.37 -21.12 5.04
N VAL B 71 24.80 -19.90 5.09
CA VAL B 71 24.43 -19.19 3.85
C VAL B 71 25.36 -18.02 3.53
N LEU B 72 26.13 -17.56 4.53
CA LEU B 72 27.05 -16.44 4.37
C LEU B 72 28.41 -16.89 3.91
N CYS B 73 28.61 -18.20 3.83
CA CYS B 73 29.80 -18.75 3.21
C CYS B 73 29.60 -18.82 1.69
N HIS B 74 30.70 -18.78 0.95
CA HIS B 74 30.65 -19.05 -0.48
C HIS B 74 30.25 -20.48 -0.67
N GLY B 75 29.26 -20.72 -1.52
CA GLY B 75 28.74 -22.05 -1.75
C GLY B 75 28.57 -22.31 -3.22
N LYS B 76 28.80 -23.56 -3.62
CA LYS B 76 28.69 -23.96 -5.02
C LYS B 76 27.35 -23.55 -5.62
N TYR B 77 26.28 -23.63 -4.82
CA TYR B 77 24.93 -23.40 -5.33
C TYR B 77 24.39 -21.95 -5.11
N PHE B 78 25.22 -21.05 -4.57
CA PHE B 78 24.80 -19.66 -4.30
C PHE B 78 25.26 -18.67 -5.39
N ASP B 79 24.29 -18.06 -6.07
CA ASP B 79 24.55 -16.89 -6.90
C ASP B 79 24.19 -15.65 -6.09
N TRP B 80 25.20 -14.87 -5.71
CA TRP B 80 24.96 -13.69 -4.87
C TRP B 80 24.94 -12.39 -5.64
N LYS B 81 24.76 -12.44 -6.96
CA LYS B 81 24.73 -11.18 -7.81
C LYS B 81 23.47 -11.03 -8.66
N LYS B 82 22.87 -12.14 -9.04
CA LYS B 82 21.78 -12.16 -9.99
C LYS B 82 20.64 -11.22 -9.57
N PHE B 83 20.11 -11.43 -8.38
CA PHE B 83 18.97 -10.64 -7.90
C PHE B 83 19.28 -9.13 -7.84
N HIS B 84 20.44 -8.77 -7.27
CA HIS B 84 20.87 -7.36 -7.20
C HIS B 84 20.98 -6.74 -8.58
N PHE B 85 21.59 -7.46 -9.53
CA PHE B 85 21.69 -6.97 -10.91
C PHE B 85 20.32 -6.69 -11.51
N ALA B 86 19.39 -7.62 -11.32
CA ALA B 86 18.04 -7.50 -11.84
C ALA B 86 17.32 -6.31 -11.20
N LEU B 87 17.55 -6.14 -9.90
CA LEU B 87 16.96 -5.03 -9.14
C LEU B 87 17.44 -3.66 -9.65
N SER B 88 18.74 -3.52 -9.90
CA SER B 88 19.29 -2.26 -10.40
C SER B 88 18.69 -1.88 -11.74
N ALA B 89 18.71 -2.82 -12.69
CA ALA B 89 18.13 -2.62 -14.02
C ALA B 89 16.68 -2.13 -13.95
N LYS B 90 15.89 -2.75 -13.07
CA LYS B 90 14.45 -2.43 -12.89
C LYS B 90 14.25 -1.05 -12.29
N ALA B 91 14.90 -0.80 -11.16
CA ALA B 91 14.66 0.40 -10.40
C ALA B 91 15.22 1.66 -11.07
N PHE B 92 16.37 1.53 -11.72
CA PHE B 92 17.08 2.71 -12.28
C PHE B 92 16.90 2.86 -13.77
N GLY B 93 16.69 1.74 -14.48
CA GLY B 93 16.39 1.76 -15.89
C GLY B 93 17.63 1.65 -16.74
N HIS B 94 18.19 0.46 -16.81
CA HIS B 94 19.32 0.19 -17.70
C HIS B 94 19.29 -1.23 -18.09
N ARG B 95 19.94 -1.56 -19.21
CA ARG B 95 20.01 -2.95 -19.66
C ARG B 95 20.89 -3.74 -18.72
N SER B 96 20.87 -5.06 -18.86
CA SER B 96 21.53 -5.95 -17.92
C SER B 96 23.01 -5.65 -17.77
N ILE B 97 23.45 -5.58 -16.51
CA ILE B 97 24.89 -5.42 -16.18
C ILE B 97 25.53 -6.77 -15.83
N ASP B 98 24.76 -7.84 -15.96
CA ASP B 98 25.28 -9.18 -15.84
C ASP B 98 26.21 -9.44 -17.03
N PRO B 99 27.52 -9.64 -16.78
CA PRO B 99 28.45 -9.89 -17.91
C PRO B 99 28.00 -11.04 -18.82
N MET B 100 27.32 -12.04 -18.25
CA MET B 100 26.71 -13.12 -19.04
C MET B 100 25.82 -12.60 -20.19
N ASP B 101 25.15 -11.46 -19.96
CA ASP B 101 24.21 -10.88 -20.96
C ASP B 101 24.89 -9.98 -22.03
N GLY B 102 26.18 -9.67 -21.84
CA GLY B 102 27.01 -9.11 -22.91
C GLY B 102 27.00 -7.61 -23.16
N ASN B 103 26.55 -6.83 -22.19
CA ASN B 103 26.59 -5.34 -22.31
C ASN B 103 27.79 -4.75 -21.62
N THR B 104 28.44 -5.54 -20.75
CA THR B 104 29.67 -5.14 -20.10
C THR B 104 30.50 -6.37 -19.73
N THR B 105 31.80 -6.17 -19.57
CA THR B 105 32.71 -7.19 -19.05
C THR B 105 33.30 -6.75 -17.70
N GLU B 106 32.80 -5.63 -17.16
CA GLU B 106 33.25 -5.12 -15.87
C GLU B 106 32.80 -6.04 -14.74
N ASN B 107 33.69 -6.24 -13.78
CA ASN B 107 33.37 -6.83 -12.52
C ASN B 107 33.10 -5.67 -11.56
N ILE B 108 31.84 -5.33 -11.38
CA ILE B 108 31.49 -4.11 -10.61
C ILE B 108 31.91 -4.21 -9.13
N ASN B 109 31.80 -5.41 -8.57
CA ASN B 109 32.30 -5.67 -7.21
C ASN B 109 33.77 -5.26 -7.06
N ASP B 110 34.61 -5.68 -8.02
CA ASP B 110 36.02 -5.26 -8.03
C ASP B 110 36.16 -3.74 -8.12
N THR B 111 35.36 -3.13 -8.99
CA THR B 111 35.40 -1.66 -9.15
C THR B 111 35.13 -0.96 -7.83
N PHE B 112 34.15 -1.44 -7.09
CA PHE B 112 33.76 -0.79 -5.81
C PHE B 112 34.80 -0.99 -4.73
N ILE B 113 35.35 -2.18 -4.67
CA ILE B 113 36.38 -2.50 -3.69
C ILE B 113 37.63 -1.67 -3.96
N LYS B 114 38.04 -1.61 -5.24
CA LYS B 114 39.22 -0.79 -5.64
C LYS B 114 39.09 0.68 -5.25
N THR B 115 37.89 1.22 -5.35
CA THR B 115 37.68 2.68 -5.25
C THR B 115 37.00 3.15 -3.96
N LEU B 116 36.52 2.21 -3.13
CA LEU B 116 35.90 2.56 -1.81
C LEU B 116 36.75 2.08 -0.61
N GLN B 117 37.81 1.32 -0.89
CA GLN B 117 38.70 0.75 0.14
C GLN B 117 40.18 1.02 -0.22
N GLY B 118 41.06 0.85 0.75
CA GLY B 118 42.48 1.07 0.53
C GLY B 118 42.81 2.55 0.36
N HIS B 119 43.69 2.84 -0.59
CA HIS B 119 44.14 4.20 -0.82
C HIS B 119 43.01 5.10 -1.19
N ALA B 120 42.13 4.63 -2.07
CA ALA B 120 40.94 5.41 -2.49
C ALA B 120 40.08 5.86 -1.28
N LEU B 121 39.90 4.96 -0.30
CA LEU B 121 39.18 5.28 0.94
C LEU B 121 39.80 6.47 1.65
N ASN B 122 41.11 6.56 1.65
CA ASN B 122 41.79 7.67 2.36
C ASN B 122 41.49 9.02 1.72
N SER B 123 41.54 9.09 0.39
CA SER B 123 41.22 10.36 -0.33
C SER B 123 39.73 10.71 -0.26
N LEU B 124 38.86 9.70 -0.37
CA LEU B 124 37.38 9.91 -0.15
C LEU B 124 37.12 10.52 1.19
N THR B 125 37.74 9.95 2.24
CA THR B 125 37.56 10.38 3.63
C THR B 125 38.06 11.79 3.84
N GLU B 126 39.22 12.10 3.27
CA GLU B 126 39.76 13.45 3.37
C GLU B 126 38.81 14.44 2.68
N SER B 127 38.37 14.09 1.49
CA SER B 127 37.45 14.94 0.73
C SER B 127 36.12 15.16 1.46
N MET B 128 35.58 14.11 2.09
CA MET B 128 34.31 14.23 2.79
C MET B 128 34.42 15.21 3.95
N MET B 129 35.55 15.19 4.65
CA MET B 129 35.77 16.13 5.77
C MET B 129 35.81 17.58 5.29
N GLU B 130 36.47 17.82 4.18
CA GLU B 130 36.53 19.17 3.60
C GLU B 130 35.15 19.63 3.17
N ASN B 131 34.39 18.75 2.53
CA ASN B 131 33.04 19.09 2.07
C ASN B 131 32.05 19.32 3.23
N LEU B 132 32.11 18.48 4.26
CA LEU B 132 31.29 18.67 5.46
C LEU B 132 31.60 20.01 6.13
N GLN B 133 32.88 20.29 6.32
CA GLN B 133 33.29 21.56 6.94
C GLN B 133 32.89 22.80 6.10
N ARG B 134 33.04 22.70 4.78
CA ARG B 134 32.53 23.75 3.87
C ARG B 134 31.03 24.03 4.12
N ILE B 135 30.25 22.96 4.25
CA ILE B 135 28.80 23.08 4.43
C ILE B 135 28.42 23.53 5.83
N MET B 136 29.06 22.96 6.85
CA MET B 136 28.62 23.15 8.24
C MET B 136 29.19 24.40 8.92
N ARG B 137 30.27 24.96 8.37
CA ARG B 137 30.88 26.18 8.91
C ARG B 137 29.94 27.38 8.76
N PRO B 138 30.09 28.39 9.66
CA PRO B 138 29.28 29.62 9.53
C PRO B 138 29.64 30.43 8.28
N PRO B 139 28.63 31.04 7.58
CA PRO B 139 28.88 31.88 6.39
C PRO B 139 29.99 32.94 6.60
N VAL B 140 30.84 33.12 5.58
CA VAL B 140 31.97 34.06 5.66
C VAL B 140 31.50 35.51 5.55
N ALA B 147 24.35 34.63 16.22
CA ALA B 147 24.45 33.86 17.46
C ALA B 147 23.08 33.27 17.93
N ALA B 148 22.15 33.08 16.96
CA ALA B 148 20.77 32.65 17.27
C ALA B 148 20.60 31.12 17.20
N TRP B 149 19.62 30.59 17.95
CA TRP B 149 19.22 29.20 17.83
C TRP B 149 18.39 29.02 16.60
N VAL B 150 18.63 27.92 15.87
CA VAL B 150 17.82 27.56 14.72
C VAL B 150 17.09 26.26 15.02
N THR B 151 15.76 26.27 14.91
CA THR B 151 14.94 25.06 15.06
C THR B 151 14.67 24.46 13.70
N GLU B 152 14.87 23.15 13.58
CA GLU B 152 14.72 22.45 12.33
C GLU B 152 14.37 21.00 12.58
N GLY B 153 13.77 20.35 11.59
CA GLY B 153 13.61 18.91 11.65
C GLY B 153 14.99 18.27 11.55
N MET B 154 15.28 17.34 12.44
CA MET B 154 16.61 16.74 12.48
C MET B 154 16.90 15.86 11.23
N TYR B 155 15.93 15.05 10.80
CA TYR B 155 16.09 14.25 9.56
C TYR B 155 16.34 15.17 8.37
N SER B 156 15.54 16.22 8.28
CA SER B 156 15.66 17.22 7.24
C SER B 156 17.06 17.89 7.24
N PHE B 157 17.56 18.19 8.44
CA PHE B 157 18.92 18.75 8.60
C PHE B 157 20.00 17.76 8.14
N CYS B 158 19.92 16.51 8.62
CA CYS B 158 20.89 15.46 8.22
C CYS B 158 20.84 15.19 6.75
N TYR B 159 19.63 15.21 6.17
CA TYR B 159 19.44 14.98 4.76
C TYR B 159 20.22 16.01 3.93
N ARG B 160 20.03 17.29 4.20
CA ARG B 160 20.61 18.31 3.35
C ARG B 160 22.12 18.41 3.51
N VAL B 161 22.61 18.26 4.74
CA VAL B 161 24.05 18.28 4.98
C VAL B 161 24.72 17.06 4.36
N MET B 162 24.26 15.85 4.69
CA MET B 162 24.92 14.63 4.19
C MET B 162 24.72 14.46 2.68
N PHE B 163 23.56 14.83 2.16
CA PHE B 163 23.37 14.74 0.73
C PHE B 163 24.35 15.65 -0.01
N GLU B 164 24.44 16.90 0.39
CA GLU B 164 25.34 17.84 -0.28
C GLU B 164 26.78 17.36 -0.18
N ALA B 165 27.23 17.06 1.04
CA ALA B 165 28.61 16.61 1.29
C ALA B 165 28.93 15.34 0.51
N GLY B 166 28.01 14.37 0.57
CA GLY B 166 28.20 13.11 -0.12
C GLY B 166 28.16 13.23 -1.62
N TYR B 167 27.26 14.07 -2.14
CA TYR B 167 27.18 14.32 -3.59
C TYR B 167 28.51 14.92 -4.11
N LEU B 168 28.99 15.95 -3.43
CA LEU B 168 30.19 16.67 -3.86
C LEU B 168 31.45 15.81 -3.71
N THR B 169 31.46 14.93 -2.72
CA THR B 169 32.58 14.02 -2.50
C THR B 169 32.63 12.97 -3.58
N ILE B 170 31.49 12.38 -3.90
CA ILE B 170 31.44 11.32 -4.91
C ILE B 170 31.50 11.88 -6.35
N PHE B 171 30.79 12.97 -6.62
CA PHE B 171 30.66 13.48 -8.01
C PHE B 171 31.45 14.76 -8.29
N GLY B 172 32.21 15.22 -7.31
CA GLY B 172 33.00 16.41 -7.47
C GLY B 172 32.15 17.66 -7.44
N ARG B 173 32.79 18.80 -7.74
CA ARG B 173 32.15 20.09 -7.72
C ARG B 173 32.26 20.75 -9.08
N ASP B 174 31.22 21.47 -9.46
CA ASP B 174 31.28 22.32 -10.63
C ASP B 174 31.74 23.66 -10.13
N LEU B 175 33.00 23.99 -10.41
CA LEU B 175 33.61 25.24 -9.91
C LEU B 175 33.59 26.38 -10.96
N THR B 176 33.01 26.11 -12.13
CA THR B 176 32.95 27.11 -13.20
C THR B 176 31.84 28.10 -12.93
N ARG B 177 30.77 27.64 -12.28
CA ARG B 177 29.68 28.50 -11.82
C ARG B 177 29.37 28.20 -10.35
N ARG B 178 30.26 28.66 -9.47
CA ARG B 178 30.05 28.57 -8.00
C ARG B 178 28.76 29.27 -7.56
N ASP B 179 28.44 30.38 -8.25
CA ASP B 179 27.30 31.25 -7.87
C ASP B 179 25.91 30.56 -7.96
N THR B 180 25.80 29.47 -8.71
CA THR B 180 24.53 28.78 -8.88
C THR B 180 24.50 27.36 -8.26
N GLN B 181 25.59 26.97 -7.60
CA GLN B 181 25.72 25.55 -7.16
C GLN B 181 24.76 25.15 -6.05
N LYS B 182 24.39 26.10 -5.18
CA LYS B 182 23.38 25.83 -4.15
C LYS B 182 22.02 25.53 -4.80
N ALA B 183 21.71 26.24 -5.89
CA ALA B 183 20.50 25.96 -6.66
C ALA B 183 20.52 24.57 -7.26
N HIS B 184 21.66 24.21 -7.86
CA HIS B 184 21.80 22.90 -8.49
C HIS B 184 21.75 21.78 -7.46
N ILE B 185 22.40 21.99 -6.32
CA ILE B 185 22.40 21.03 -5.23
C ILE B 185 20.99 20.82 -4.68
N LEU B 186 20.27 21.92 -4.42
CA LEU B 186 18.88 21.85 -3.91
C LEU B 186 17.95 21.09 -4.89
N ASN B 187 18.14 21.31 -6.20
CA ASN B 187 17.38 20.57 -7.22
C ASN B 187 17.68 19.08 -7.18
N ASN B 188 18.98 18.76 -7.12
CA ASN B 188 19.42 17.36 -7.01
C ASN B 188 18.88 16.70 -5.77
N LEU B 189 18.90 17.44 -4.65
CA LEU B 189 18.42 16.95 -3.38
C LEU B 189 16.93 16.64 -3.47
N ASP B 190 16.16 17.61 -3.99
CA ASP B 190 14.72 17.45 -4.14
CA ASP B 190 14.73 17.44 -4.12
C ASP B 190 14.40 16.26 -5.04
N ASN B 191 15.10 16.17 -6.16
CA ASN B 191 14.87 15.11 -7.11
C ASN B 191 15.18 13.76 -6.52
N PHE B 192 16.28 13.67 -5.76
CA PHE B 192 16.64 12.40 -5.15
C PHE B 192 15.58 11.96 -4.12
N LYS B 193 15.07 12.92 -3.32
CA LYS B 193 13.98 12.63 -2.36
C LYS B 193 12.76 12.03 -3.03
N GLN B 194 12.37 12.64 -4.16
CA GLN B 194 11.18 12.22 -4.90
C GLN B 194 11.39 10.84 -5.52
N PHE B 195 12.60 10.58 -6.02
CA PHE B 195 12.91 9.28 -6.63
C PHE B 195 12.98 8.19 -5.55
N ASP B 196 13.76 8.44 -4.51
CA ASP B 196 13.95 7.47 -3.44
C ASP B 196 12.62 7.14 -2.75
N LYS B 197 11.71 8.11 -2.68
CA LYS B 197 10.40 7.88 -2.02
C LYS B 197 9.69 6.65 -2.58
N VAL B 198 9.76 6.46 -3.90
CA VAL B 198 9.00 5.36 -4.57
C VAL B 198 9.82 4.08 -4.71
N PHE B 199 11.10 4.13 -4.27
CA PHE B 199 12.02 2.99 -4.42
C PHE B 199 11.44 1.65 -3.92
N PRO B 200 10.75 1.63 -2.77
CA PRO B 200 10.19 0.32 -2.35
C PRO B 200 9.27 -0.31 -3.38
N ALA B 201 8.44 0.52 -4.01
CA ALA B 201 7.55 0.08 -5.09
C ALA B 201 8.33 -0.44 -6.33
N LEU B 202 9.41 0.25 -6.67
CA LEU B 202 10.19 -0.10 -7.87
C LEU B 202 10.85 -1.44 -7.73
N VAL B 203 11.32 -1.74 -6.53
CA VAL B 203 11.95 -3.06 -6.32
CA VAL B 203 11.93 -3.04 -6.23
C VAL B 203 10.89 -4.19 -6.37
N ALA B 204 9.60 -3.85 -6.16
CA ALA B 204 8.48 -4.81 -6.32
C ALA B 204 8.11 -5.09 -7.80
N GLY B 205 8.63 -4.27 -8.72
CA GLY B 205 8.32 -4.40 -10.14
C GLY B 205 7.20 -3.48 -10.58
N LEU B 206 6.75 -2.58 -9.69
CA LEU B 206 5.78 -1.57 -10.09
C LEU B 206 6.45 -0.60 -11.06
N PRO B 207 5.74 -0.18 -12.12
CA PRO B 207 6.34 0.70 -13.14
C PRO B 207 6.52 2.08 -12.63
N ILE B 208 7.67 2.69 -12.93
CA ILE B 208 7.95 4.04 -12.45
C ILE B 208 6.99 5.11 -13.05
N HIS B 209 6.46 4.85 -14.24
CA HIS B 209 5.47 5.79 -14.84
C HIS B 209 4.12 5.80 -14.10
N MET B 210 3.97 4.91 -13.11
CA MET B 210 2.89 4.98 -12.15
C MET B 210 3.10 6.16 -11.19
N PHE B 211 4.33 6.69 -11.17
CA PHE B 211 4.72 7.78 -10.27
C PHE B 211 5.33 8.88 -11.13
N ARG B 212 4.47 9.74 -11.66
CA ARG B 212 4.89 10.74 -12.64
C ARG B 212 5.99 11.65 -12.09
N THR B 213 5.75 12.21 -10.91
CA THR B 213 6.76 13.09 -10.27
C THR B 213 8.09 12.39 -10.06
N ALA B 214 8.04 11.16 -9.55
CA ALA B 214 9.23 10.40 -9.26
C ALA B 214 9.97 10.01 -10.53
N HIS B 215 9.21 9.70 -11.60
CA HIS B 215 9.79 9.36 -12.88
C HIS B 215 10.56 10.53 -13.44
N ASN B 216 9.92 11.70 -13.47
CA ASN B 216 10.55 12.94 -13.93
C ASN B 216 11.81 13.26 -13.13
N ALA B 217 11.73 13.06 -11.81
CA ALA B 217 12.85 13.27 -10.88
C ALA B 217 14.02 12.34 -11.17
N ARG B 218 13.74 11.05 -11.38
CA ARG B 218 14.79 10.09 -11.72
C ARG B 218 15.54 10.46 -13.03
N GLU B 219 14.80 10.94 -14.02
CA GLU B 219 15.39 11.25 -15.32
C GLU B 219 16.13 12.59 -15.30
N LYS B 220 15.67 13.55 -14.49
CA LYS B 220 16.40 14.81 -14.29
C LYS B 220 17.70 14.58 -13.52
N LEU B 221 17.69 13.65 -12.56
CA LEU B 221 18.93 13.21 -11.90
C LEU B 221 19.88 12.58 -12.89
N ALA B 222 19.38 11.65 -13.71
CA ALA B 222 20.21 10.98 -14.74
C ALA B 222 20.83 12.00 -15.68
N GLU B 223 20.04 13.00 -16.08
CA GLU B 223 20.51 14.05 -16.98
C GLU B 223 21.73 14.77 -16.38
N SER B 224 21.67 15.11 -15.10
CA SER B 224 22.79 15.78 -14.42
C SER B 224 24.05 14.88 -14.29
N LEU B 225 23.90 13.56 -14.47
CA LEU B 225 25.02 12.60 -14.30
C LEU B 225 25.51 12.02 -15.61
N ARG B 226 25.03 12.57 -16.73
CA ARG B 226 25.58 12.26 -18.03
C ARG B 226 27.04 12.64 -18.01
N HIS B 227 27.84 11.89 -18.75
CA HIS B 227 29.27 12.11 -18.83
C HIS B 227 29.61 13.53 -19.24
N GLU B 228 28.85 14.07 -20.20
CA GLU B 228 29.06 15.47 -20.64
C GLU B 228 29.00 16.46 -19.45
N ASN B 229 28.09 16.18 -18.51
CA ASN B 229 27.92 17.06 -17.33
C ASN B 229 28.91 16.74 -16.20
N LEU B 230 29.27 15.46 -16.05
CA LEU B 230 30.30 15.06 -15.08
C LEU B 230 31.70 15.59 -15.45
N GLN B 231 32.01 15.60 -16.75
CA GLN B 231 33.27 16.13 -17.28
C GLN B 231 33.48 17.62 -16.96
N LYS B 232 32.41 18.34 -16.60
CA LYS B 232 32.51 19.75 -16.18
C LYS B 232 32.99 19.91 -14.72
N ARG B 233 33.06 18.80 -13.97
CA ARG B 233 33.25 18.84 -12.53
C ARG B 233 34.68 18.49 -12.15
N GLU B 234 35.07 18.92 -10.97
CA GLU B 234 36.43 18.73 -10.49
C GLU B 234 36.44 18.02 -9.17
N SER B 235 37.56 17.37 -8.88
CA SER B 235 37.75 16.63 -7.65
CA SER B 235 37.75 16.60 -7.65
C SER B 235 36.70 15.50 -7.55
N ILE B 236 36.48 14.82 -8.67
CA ILE B 236 35.54 13.71 -8.74
C ILE B 236 36.19 12.52 -8.03
N SER B 237 35.38 11.68 -7.39
CA SER B 237 35.91 10.49 -6.71
C SER B 237 36.55 9.57 -7.73
N GLU B 238 37.52 8.76 -7.27
CA GLU B 238 38.15 7.75 -8.15
CA GLU B 238 38.16 7.77 -8.13
C GLU B 238 37.10 6.74 -8.58
N LEU B 239 36.13 6.47 -7.71
CA LEU B 239 35.00 5.56 -8.04
C LEU B 239 34.29 6.00 -9.35
N ILE B 240 33.79 7.23 -9.37
CA ILE B 240 33.07 7.73 -10.54
C ILE B 240 34.01 7.90 -11.77
N SER B 241 35.24 8.36 -11.55
CA SER B 241 36.22 8.49 -12.67
C SER B 241 36.47 7.15 -13.32
N LEU B 242 36.71 6.11 -12.51
CA LEU B 242 36.93 4.77 -13.05
C LEU B 242 35.67 4.20 -13.68
N ARG B 243 34.52 4.41 -13.02
CA ARG B 243 33.21 3.96 -13.57
C ARG B 243 32.95 4.59 -14.92
N MET B 244 33.26 5.89 -15.06
CA MET B 244 33.15 6.58 -16.37
C MET B 244 34.03 5.91 -17.42
N PHE B 245 35.29 5.69 -17.06
CA PHE B 245 36.24 5.00 -17.91
C PHE B 245 35.78 3.61 -18.32
N LEU B 246 35.26 2.83 -17.36
CA LEU B 246 34.84 1.47 -17.63
C LEU B 246 33.52 1.41 -18.41
N ASN B 247 32.63 2.39 -18.16
CA ASN B 247 31.47 2.57 -19.04
C ASN B 247 31.92 2.68 -20.51
N ASP B 248 32.92 3.54 -20.74
CA ASP B 248 33.40 3.85 -22.09
C ASP B 248 34.18 2.71 -22.77
N THR B 249 34.99 1.99 -22.00
CA THR B 249 35.91 0.97 -22.57
C THR B 249 35.43 -0.46 -22.46
N LEU B 250 34.56 -0.76 -21.48
CA LEU B 250 34.11 -2.14 -21.25
C LEU B 250 32.65 -2.40 -21.53
N SER B 251 31.84 -1.35 -21.78
CA SER B 251 30.40 -1.53 -21.97
C SER B 251 29.92 -1.01 -23.32
N THR B 252 28.75 -1.49 -23.74
CA THR B 252 28.08 -0.98 -24.92
C THR B 252 26.82 -0.21 -24.53
N PHE B 253 26.85 0.43 -23.34
CA PHE B 253 25.73 1.24 -22.87
C PHE B 253 25.63 2.54 -23.66
N ASP B 254 24.42 3.05 -23.85
CA ASP B 254 24.25 4.37 -24.47
C ASP B 254 24.46 5.44 -23.43
N ASP B 255 24.35 6.72 -23.84
CA ASP B 255 24.66 7.85 -22.96
C ASP B 255 23.76 7.92 -21.74
N LEU B 256 22.47 7.65 -21.94
CA LEU B 256 21.49 7.67 -20.84
C LEU B 256 21.77 6.55 -19.83
N GLU B 257 22.04 5.36 -20.35
CA GLU B 257 22.38 4.21 -19.51
C GLU B 257 23.64 4.42 -18.71
N LYS B 258 24.65 5.03 -19.33
CA LYS B 258 25.85 5.39 -18.60
C LYS B 258 25.51 6.35 -17.48
N ALA B 259 24.65 7.33 -17.75
CA ALA B 259 24.16 8.25 -16.70
C ALA B 259 23.43 7.49 -15.56
N LYS B 260 22.60 6.51 -15.95
CA LYS B 260 21.86 5.69 -14.95
C LYS B 260 22.79 4.89 -14.03
N THR B 261 23.93 4.38 -14.55
CA THR B 261 24.93 3.69 -13.71
C THR B 261 25.52 4.58 -12.61
N HIS B 262 25.59 5.89 -12.87
CA HIS B 262 26.05 6.83 -11.87
C HIS B 262 24.98 7.17 -10.89
N LEU B 263 23.74 7.18 -11.36
CA LEU B 263 22.58 7.38 -10.46
C LEU B 263 22.49 6.20 -9.48
N VAL B 264 22.75 4.99 -9.97
CA VAL B 264 22.85 3.81 -9.09
C VAL B 264 23.83 4.08 -7.94
N VAL B 265 25.04 4.59 -8.29
CA VAL B 265 26.05 4.88 -7.28
C VAL B 265 25.62 6.02 -6.36
N LEU B 266 24.97 7.05 -6.88
CA LEU B 266 24.42 8.12 -6.04
C LEU B 266 23.44 7.50 -4.97
N TRP B 267 22.54 6.65 -5.42
CA TRP B 267 21.59 6.01 -4.50
C TRP B 267 22.29 5.21 -3.43
N ALA B 268 23.19 4.34 -3.86
CA ALA B 268 23.99 3.48 -2.94
C ALA B 268 24.68 4.30 -1.85
N SER B 269 25.22 5.45 -2.22
CA SER B 269 25.99 6.27 -1.29
C SER B 269 25.12 7.12 -0.38
N GLN B 270 23.83 7.28 -0.70
CA GLN B 270 22.93 8.24 0.03
C GLN B 270 21.79 7.58 0.83
N ALA B 271 21.17 6.56 0.25
CA ALA B 271 19.90 6.02 0.76
C ALA B 271 19.99 5.38 2.15
N ASN B 272 21.19 4.92 2.54
CA ASN B 272 21.40 4.36 3.85
C ASN B 272 22.15 5.30 4.76
N THR B 273 23.09 6.06 4.18
CA THR B 273 23.86 7.00 4.94
C THR B 273 22.99 8.07 5.63
N ILE B 274 22.02 8.60 4.92
CA ILE B 274 21.19 9.64 5.48
C ILE B 274 20.39 9.17 6.72
N PRO B 275 19.58 8.09 6.59
CA PRO B 275 18.88 7.62 7.80
C PRO B 275 19.84 7.19 8.93
N ALA B 276 20.99 6.61 8.57
CA ALA B 276 22.02 6.18 9.56
C ALA B 276 22.50 7.36 10.37
N THR B 277 22.76 8.47 9.69
CA THR B 277 23.24 9.67 10.31
C THR B 277 22.18 10.27 11.25
N PHE B 278 20.92 10.33 10.79
CA PHE B 278 19.82 10.82 11.65
C PHE B 278 19.79 10.04 12.93
N TRP B 279 19.78 8.72 12.83
CA TRP B 279 19.62 7.87 14.04
C TRP B 279 20.78 8.02 14.98
N SER B 280 22.00 8.06 14.46
CA SER B 280 23.19 8.24 15.30
C SER B 280 23.13 9.59 16.03
N LEU B 281 22.78 10.65 15.31
CA LEU B 281 22.67 11.98 15.92
C LEU B 281 21.57 12.02 16.97
N PHE B 282 20.39 11.53 16.59
CA PHE B 282 19.23 11.52 17.45
C PHE B 282 19.50 10.75 18.75
N GLN B 283 20.02 9.54 18.62
CA GLN B 283 20.28 8.68 19.78
C GLN B 283 21.37 9.24 20.69
N MET B 284 22.36 9.88 20.09
CA MET B 284 23.43 10.50 20.85
C MET B 284 22.88 11.65 21.70
N ILE B 285 22.11 12.55 21.09
CA ILE B 285 21.56 13.74 21.79
C ILE B 285 20.48 13.35 22.81
N ARG B 286 19.63 12.40 22.42
CA ARG B 286 18.53 11.92 23.25
C ARG B 286 18.99 11.30 24.56
N ASN B 287 20.15 10.64 24.54
CA ASN B 287 20.67 9.89 25.69
C ASN B 287 21.87 10.62 26.35
N PRO B 288 21.63 11.30 27.51
CA PRO B 288 22.67 12.15 28.15
C PRO B 288 23.98 11.46 28.34
N GLU B 289 23.95 10.18 28.73
CA GLU B 289 25.18 9.41 28.94
C GLU B 289 25.96 9.26 27.63
N ALA B 290 25.25 9.04 26.53
CA ALA B 290 25.87 8.92 25.19
C ALA B 290 26.49 10.25 24.74
N MET B 291 25.75 11.34 24.92
CA MET B 291 26.26 12.70 24.61
C MET B 291 27.54 13.03 25.40
N LYS B 292 27.55 12.70 26.70
CA LYS B 292 28.70 12.96 27.55
C LYS B 292 29.91 12.16 27.11
N ALA B 293 29.70 10.85 26.86
CA ALA B 293 30.79 9.96 26.40
C ALA B 293 31.36 10.35 25.01
N ALA B 294 30.47 10.66 24.07
CA ALA B 294 30.87 11.10 22.72
C ALA B 294 31.67 12.42 22.79
N THR B 295 31.11 13.40 23.50
CA THR B 295 31.75 14.70 23.67
C THR B 295 33.17 14.57 24.24
N GLU B 296 33.32 13.80 25.31
CA GLU B 296 34.63 13.58 25.92
C GLU B 296 35.61 12.88 24.96
N GLU B 297 35.11 11.91 24.19
CA GLU B 297 35.97 11.15 23.28
C GLU B 297 36.48 12.01 22.13
N VAL B 298 35.58 12.78 21.51
CA VAL B 298 35.97 13.63 20.40
C VAL B 298 36.93 14.71 20.90
N LYS B 299 36.58 15.37 22.01
CA LYS B 299 37.44 16.39 22.66
C LYS B 299 38.89 15.89 22.85
N ARG B 300 39.01 14.75 23.48
CA ARG B 300 40.28 14.15 23.76
C ARG B 300 41.07 13.81 22.46
N THR B 301 40.37 13.27 21.45
CA THR B 301 41.00 12.92 20.17
C THR B 301 41.49 14.18 19.43
N LEU B 302 40.67 15.22 19.43
CA LEU B 302 41.03 16.49 18.80
C LEU B 302 42.20 17.18 19.53
N GLU B 303 42.19 17.10 20.87
CA GLU B 303 43.29 17.65 21.70
C GLU B 303 44.59 16.90 21.45
N ASN B 304 44.53 15.57 21.50
CA ASN B 304 45.69 14.74 21.22
C ASN B 304 46.18 14.87 19.77
N ALA B 305 45.29 15.24 18.84
CA ALA B 305 45.65 15.42 17.44
C ALA B 305 46.13 16.85 17.15
N GLY B 306 46.14 17.71 18.18
CA GLY B 306 46.50 19.11 18.02
C GLY B 306 45.50 19.91 17.17
N GLN B 307 44.26 19.42 17.11
CA GLN B 307 43.22 20.05 16.28
C GLN B 307 42.32 20.90 17.15
N LYS B 308 42.26 22.21 16.82
CA LYS B 308 41.35 23.13 17.48
C LYS B 308 40.18 23.42 16.53
N VAL B 309 38.98 23.54 17.08
CA VAL B 309 37.78 23.91 16.30
C VAL B 309 37.66 25.45 16.24
N SER B 310 37.18 25.95 15.10
CA SER B 310 36.98 27.40 14.92
C SER B 310 36.09 27.69 13.70
N LEU B 311 35.60 28.92 13.61
CA LEU B 311 34.83 29.37 12.46
C LEU B 311 35.72 29.49 11.22
N PRO B 315 40.39 23.95 9.28
CA PRO B 315 40.33 22.56 8.77
C PRO B 315 40.84 21.56 9.79
N ILE B 316 40.02 20.56 10.11
CA ILE B 316 40.40 19.48 11.02
C ILE B 316 41.00 18.36 10.20
N CYS B 317 42.25 17.99 10.53
CA CYS B 317 42.96 16.91 9.84
C CYS B 317 43.25 15.80 10.80
N LEU B 318 42.36 14.82 10.86
CA LEU B 318 42.59 13.62 11.64
C LEU B 318 43.25 12.57 10.79
N SER B 319 44.14 11.78 11.39
CA SER B 319 44.73 10.64 10.71
C SER B 319 43.70 9.55 10.54
N GLN B 320 44.01 8.58 9.69
CA GLN B 320 43.12 7.47 9.44
C GLN B 320 42.96 6.65 10.74
N ALA B 321 44.07 6.44 11.44
CA ALA B 321 44.07 5.78 12.76
C ALA B 321 43.23 6.56 13.79
N GLU B 322 43.36 7.89 13.80
CA GLU B 322 42.59 8.74 14.77
C GLU B 322 41.10 8.69 14.54
N LEU B 323 40.68 8.64 13.28
CA LEU B 323 39.25 8.53 12.95
C LEU B 323 38.71 7.14 13.28
N ASN B 324 39.50 6.11 12.95
CA ASN B 324 39.07 4.71 13.22
C ASN B 324 38.96 4.37 14.71
N ASP B 325 39.91 4.87 15.51
CA ASP B 325 39.98 4.55 16.94
C ASP B 325 39.09 5.49 17.75
N LEU B 326 37.78 5.40 17.49
CA LEU B 326 36.79 6.21 18.20
C LEU B 326 35.70 5.25 18.64
N PRO B 327 36.02 4.38 19.62
CA PRO B 327 35.10 3.29 20.00
C PRO B 327 33.73 3.75 20.54
N VAL B 328 33.67 4.89 21.24
CA VAL B 328 32.38 5.40 21.71
C VAL B 328 31.49 5.79 20.54
N LEU B 329 32.04 6.54 19.58
CA LEU B 329 31.30 6.88 18.36
C LEU B 329 30.96 5.63 17.56
N ASP B 330 31.92 4.71 17.42
CA ASP B 330 31.66 3.43 16.77
C ASP B 330 30.50 2.69 17.43
N SER B 331 30.45 2.70 18.76
CA SER B 331 29.37 2.00 19.51
C SER B 331 28.02 2.69 19.36
N ILE B 332 28.02 4.02 19.38
CA ILE B 332 26.79 4.80 19.16
C ILE B 332 26.19 4.51 17.76
N ILE B 333 27.06 4.47 16.74
CA ILE B 333 26.62 4.19 15.36
C ILE B 333 26.14 2.74 15.22
N LYS B 334 26.89 1.78 15.76
CA LYS B 334 26.46 0.38 15.72
C LYS B 334 25.13 0.18 16.40
N GLU B 335 24.97 0.79 17.58
CA GLU B 335 23.75 0.61 18.36
C GLU B 335 22.56 1.30 17.68
N SER B 336 22.83 2.39 16.95
CA SER B 336 21.82 3.08 16.15
C SER B 336 21.35 2.24 14.96
N LEU B 337 22.29 1.57 14.30
CA LEU B 337 21.97 0.71 13.15
C LEU B 337 21.37 -0.63 13.59
N ARG B 338 21.81 -1.17 14.73
CA ARG B 338 21.17 -2.37 15.30
C ARG B 338 19.66 -2.16 15.45
N LEU B 339 19.29 -0.97 15.90
CA LEU B 339 17.88 -0.64 16.10
C LEU B 339 17.12 -0.31 14.80
N SER B 340 17.78 0.32 13.81
CA SER B 340 17.06 0.83 12.62
C SER B 340 17.23 0.02 11.33
N SER B 341 18.20 -0.90 11.31
CA SER B 341 18.54 -1.65 10.10
C SER B 341 17.47 -2.69 9.73
N ALA B 342 17.06 -2.70 8.46
CA ALA B 342 16.09 -3.65 7.96
C ALA B 342 16.53 -4.15 6.60
N SER B 343 17.70 -4.77 6.57
CA SER B 343 18.26 -5.33 5.33
C SER B 343 17.74 -6.72 4.98
N LEU B 344 17.74 -7.00 3.68
CA LEU B 344 17.55 -8.34 3.16
C LEU B 344 18.88 -8.77 2.59
N ASN B 345 19.43 -9.86 3.11
CA ASN B 345 20.66 -10.44 2.62
C ASN B 345 20.26 -11.63 1.79
N ILE B 346 20.59 -11.58 0.50
CA ILE B 346 20.00 -12.49 -0.49
C ILE B 346 21.06 -13.23 -1.32
N ARG B 347 20.78 -14.49 -1.63
CA ARG B 347 21.43 -15.17 -2.75
C ARG B 347 20.42 -16.04 -3.46
N THR B 348 20.72 -16.39 -4.69
CA THR B 348 19.84 -17.19 -5.52
C THR B 348 20.43 -18.58 -5.74
N ALA B 349 19.57 -19.60 -5.63
CA ALA B 349 19.95 -20.99 -5.88
C ALA B 349 20.30 -21.17 -7.37
N LYS B 350 21.52 -21.62 -7.64
CA LYS B 350 21.98 -21.91 -9.00
C LYS B 350 21.36 -23.19 -9.55
N GLU B 351 21.03 -24.13 -8.67
CA GLU B 351 20.37 -25.37 -9.07
C GLU B 351 19.50 -25.86 -7.94
N ASP B 352 18.72 -26.90 -8.19
CA ASP B 352 18.02 -27.59 -7.12
C ASP B 352 19.04 -28.26 -6.21
N PHE B 353 18.89 -28.10 -4.90
CA PHE B 353 19.78 -28.74 -3.95
C PHE B 353 19.16 -28.83 -2.56
N THR B 354 19.82 -29.57 -1.69
CA THR B 354 19.41 -29.70 -0.30
C THR B 354 20.37 -28.84 0.55
N LEU B 355 19.80 -27.87 1.28
CA LEU B 355 20.54 -26.97 2.15
C LEU B 355 20.54 -27.57 3.57
N HIS B 356 21.71 -27.73 4.15
CA HIS B 356 21.87 -28.36 5.47
C HIS B 356 22.17 -27.31 6.46
N LEU B 357 21.23 -27.11 7.38
CA LEU B 357 21.31 -26.07 8.40
C LEU B 357 21.45 -26.72 9.80
N GLU B 358 21.43 -25.92 10.86
CA GLU B 358 21.72 -26.44 12.20
C GLU B 358 20.82 -27.63 12.60
N ASP B 359 19.52 -27.44 12.50
CA ASP B 359 18.55 -28.49 12.94
C ASP B 359 18.00 -29.32 11.78
N GLY B 360 17.89 -28.70 10.59
CA GLY B 360 17.21 -29.34 9.48
C GLY B 360 17.91 -29.27 8.16
N SER B 361 17.41 -30.04 7.22
CA SER B 361 17.82 -30.00 5.85
C SER B 361 16.62 -29.65 5.02
N TYR B 362 16.80 -28.76 4.04
CA TYR B 362 15.69 -28.22 3.26
C TYR B 362 16.00 -28.21 1.79
N ASN B 363 15.06 -28.72 0.98
CA ASN B 363 15.21 -28.69 -0.45
C ASN B 363 14.87 -27.31 -1.00
N ILE B 364 15.77 -26.81 -1.83
CA ILE B 364 15.68 -25.49 -2.44
C ILE B 364 15.62 -25.70 -3.95
N ARG B 365 14.77 -24.95 -4.64
CA ARG B 365 14.71 -25.04 -6.12
C ARG B 365 15.61 -24.03 -6.77
N LYS B 366 16.13 -24.39 -7.93
CA LYS B 366 16.82 -23.47 -8.79
C LYS B 366 16.00 -22.17 -8.92
N ASP B 367 16.69 -21.04 -8.82
CA ASP B 367 16.10 -19.68 -8.94
C ASP B 367 15.33 -19.19 -7.72
N ASP B 368 15.15 -20.07 -6.70
CA ASP B 368 14.65 -19.61 -5.40
C ASP B 368 15.67 -18.67 -4.78
N ILE B 369 15.19 -17.81 -3.89
CA ILE B 369 16.03 -16.94 -3.10
C ILE B 369 16.19 -17.55 -1.73
N ILE B 370 17.39 -17.48 -1.19
CA ILE B 370 17.65 -17.80 0.22
C ILE B 370 17.99 -16.50 0.90
N ALA B 371 17.18 -16.11 1.90
CA ALA B 371 17.28 -14.79 2.53
C ALA B 371 17.51 -14.81 4.06
N LEU B 372 18.30 -13.86 4.51
CA LEU B 372 18.35 -13.47 5.88
C LEU B 372 17.66 -12.12 6.04
N TYR B 373 16.99 -11.94 7.18
CA TYR B 373 16.48 -10.64 7.59
C TYR B 373 17.09 -10.37 8.96
N PRO B 374 18.34 -9.86 8.98
CA PRO B 374 19.09 -9.71 10.21
C PRO B 374 18.47 -8.90 11.31
N GLN B 375 17.47 -8.06 11.01
CA GLN B 375 16.76 -7.34 12.09
C GLN B 375 16.22 -8.33 13.15
N LEU B 376 15.88 -9.54 12.72
CA LEU B 376 15.40 -10.58 13.62
C LEU B 376 16.45 -10.93 14.67
N MET B 377 17.72 -10.88 14.26
CA MET B 377 18.85 -11.18 15.15
CA MET B 377 18.83 -11.20 15.14
C MET B 377 19.23 -9.96 15.96
N HIS B 378 19.28 -8.80 15.31
CA HIS B 378 19.60 -7.52 15.98
C HIS B 378 18.70 -7.21 17.15
N LEU B 379 17.42 -7.62 17.04
CA LEU B 379 16.41 -7.35 18.11
C LEU B 379 16.08 -8.62 18.96
N ASP B 380 16.93 -9.64 18.87
CA ASP B 380 16.76 -10.88 19.62
C ASP B 380 17.25 -10.69 21.08
N PRO B 381 16.32 -10.79 22.05
CA PRO B 381 16.71 -10.61 23.45
C PRO B 381 17.66 -11.69 23.99
N GLU B 382 17.75 -12.85 23.31
CA GLU B 382 18.74 -13.90 23.66
C GLU B 382 20.16 -13.46 23.37
N ILE B 383 20.31 -12.61 22.36
CA ILE B 383 21.63 -12.12 21.93
C ILE B 383 21.90 -10.74 22.53
N TYR B 384 20.88 -9.86 22.51
CA TYR B 384 21.01 -8.49 22.97
C TYR B 384 19.95 -8.18 24.05
N PRO B 385 20.30 -8.39 25.33
CA PRO B 385 19.33 -8.12 26.40
C PRO B 385 18.76 -6.69 26.35
N ASP B 386 17.46 -6.56 26.68
CA ASP B 386 16.70 -5.30 26.50
C ASP B 386 16.91 -4.74 25.06
N PRO B 387 16.52 -5.53 24.03
CA PRO B 387 16.89 -5.23 22.63
C PRO B 387 16.31 -3.94 22.06
N LEU B 388 15.20 -3.45 22.62
CA LEU B 388 14.57 -2.22 22.13
C LEU B 388 15.10 -0.96 22.82
N THR B 389 16.03 -1.13 23.76
CA THR B 389 16.67 0.00 24.45
C THR B 389 17.97 0.35 23.78
N PHE B 390 18.17 1.63 23.49
CA PHE B 390 19.43 2.09 22.98
C PHE B 390 20.40 2.19 24.14
N LYS B 391 21.42 1.33 24.11
CA LYS B 391 22.51 1.36 25.09
C LYS B 391 23.78 1.78 24.36
N TYR B 392 24.18 3.04 24.52
CA TYR B 392 25.30 3.60 23.72
C TYR B 392 26.60 2.81 23.84
N ASP B 393 26.77 2.08 24.95
CA ASP B 393 27.98 1.32 25.20
C ASP B 393 27.80 -0.17 24.91
N ARG B 394 26.79 -0.51 24.10
CA ARG B 394 26.48 -1.92 23.86
C ARG B 394 27.60 -2.61 23.13
N TYR B 395 28.32 -1.89 22.28
CA TYR B 395 29.47 -2.44 21.55
C TYR B 395 30.83 -1.90 22.11
N LEU B 396 30.84 -1.57 23.42
CA LEU B 396 32.07 -1.30 24.16
C LEU B 396 32.29 -2.40 25.20
N ASP B 397 33.50 -2.93 25.28
CA ASP B 397 33.86 -3.89 26.33
C ASP B 397 34.36 -3.18 27.57
N GLU B 398 34.72 -3.95 28.61
CA GLU B 398 35.17 -3.37 29.91
C GLU B 398 36.37 -2.41 29.76
N ASN B 399 37.21 -2.66 28.76
CA ASN B 399 38.38 -1.83 28.50
C ASN B 399 38.09 -0.55 27.69
N GLY B 400 36.83 -0.37 27.26
CA GLY B 400 36.46 0.76 26.44
C GLY B 400 36.85 0.58 24.98
N LYS B 401 37.18 -0.66 24.59
CA LYS B 401 37.47 -0.99 23.19
C LYS B 401 36.21 -1.59 22.56
N THR B 402 36.19 -1.68 21.23
CA THR B 402 35.04 -2.22 20.51
C THR B 402 34.78 -3.69 20.95
N LYS B 403 33.55 -3.98 21.37
CA LYS B 403 33.15 -5.32 21.85
C LYS B 403 32.80 -6.18 20.69
N THR B 404 33.27 -7.42 20.71
CA THR B 404 33.07 -8.34 19.60
C THR B 404 32.61 -9.73 20.05
N THR B 405 32.13 -9.85 21.29
CA THR B 405 31.75 -11.15 21.83
C THR B 405 30.27 -11.17 22.15
N PHE B 406 29.51 -11.82 21.28
CA PHE B 406 28.08 -11.96 21.45
C PHE B 406 27.68 -13.42 21.26
N TYR B 407 26.65 -13.83 21.97
CA TYR B 407 26.31 -15.24 22.13
C TYR B 407 24.85 -15.54 21.80
N CYS B 408 24.62 -16.71 21.23
CA CYS B 408 23.30 -17.24 21.03
C CYS B 408 23.26 -18.68 21.53
N ASN B 409 22.41 -18.93 22.54
CA ASN B 409 22.35 -20.25 23.21
C ASN B 409 23.75 -20.62 23.75
N GLY B 410 24.47 -19.62 24.29
CA GLY B 410 25.83 -19.81 24.80
C GLY B 410 26.96 -19.90 23.74
N LEU B 411 26.61 -20.03 22.45
CA LEU B 411 27.62 -20.15 21.40
C LEU B 411 28.02 -18.76 20.89
N LYS B 412 29.31 -18.52 20.83
CA LYS B 412 29.84 -17.24 20.33
C LYS B 412 29.48 -17.05 18.86
N LEU B 413 28.88 -15.91 18.54
CA LEU B 413 28.43 -15.61 17.16
C LEU B 413 29.56 -14.98 16.32
N LYS B 414 29.74 -15.49 15.10
CA LYS B 414 30.60 -14.83 14.11
C LYS B 414 29.83 -13.68 13.47
N TYR B 415 28.56 -13.91 13.20
CA TYR B 415 27.71 -12.92 12.54
C TYR B 415 26.67 -12.41 13.51
N TYR B 416 26.94 -11.28 14.17
CA TYR B 416 26.02 -10.71 15.19
C TYR B 416 25.61 -9.27 14.88
N TYR B 417 26.28 -8.64 13.91
CA TYR B 417 26.02 -7.27 13.54
C TYR B 417 26.13 -7.16 12.02
N MET B 418 24.99 -6.98 11.36
CA MET B 418 24.86 -7.18 9.94
C MET B 418 24.20 -6.04 9.10
N PRO B 419 24.21 -4.77 9.60
CA PRO B 419 23.51 -3.76 8.79
C PRO B 419 24.16 -3.49 7.42
N PHE B 420 25.45 -3.86 7.27
CA PHE B 420 26.16 -3.73 6.01
C PHE B 420 26.25 -5.02 5.28
N GLY B 421 25.59 -6.06 5.80
CA GLY B 421 25.76 -7.40 5.30
C GLY B 421 26.99 -8.07 5.87
N SER B 422 27.40 -9.14 5.23
CA SER B 422 28.56 -9.95 5.68
C SER B 422 29.04 -10.79 4.53
N GLY B 423 30.24 -11.31 4.67
CA GLY B 423 30.79 -12.21 3.67
C GLY B 423 30.99 -11.52 2.34
N ALA B 424 30.53 -12.16 1.27
CA ALA B 424 30.62 -11.57 -0.09
C ALA B 424 29.50 -10.55 -0.29
N THR B 425 28.39 -10.78 0.40
CA THR B 425 27.24 -9.91 0.35
C THR B 425 27.36 -8.84 1.43
N ILE B 426 28.31 -7.93 1.22
CA ILE B 426 28.65 -6.90 2.19
C ILE B 426 28.86 -5.57 1.46
N CYS B 427 28.43 -4.48 2.08
CA CYS B 427 28.54 -3.17 1.49
C CYS B 427 30.02 -2.78 1.29
N PRO B 428 30.46 -2.52 0.03
CA PRO B 428 31.86 -2.07 -0.17
C PRO B 428 32.16 -0.68 0.38
N GLY B 429 31.11 0.13 0.58
CA GLY B 429 31.27 1.49 1.12
C GLY B 429 31.21 1.60 2.63
N ARG B 430 31.22 0.46 3.34
CA ARG B 430 30.93 0.43 4.78
C ARG B 430 31.91 1.22 5.61
N LEU B 431 33.20 1.10 5.30
CA LEU B 431 34.25 1.82 6.01
CA LEU B 431 34.19 1.85 6.09
C LEU B 431 34.09 3.32 5.76
N PHE B 432 33.88 3.67 4.48
CA PHE B 432 33.64 5.07 4.11
C PHE B 432 32.39 5.62 4.81
N ALA B 433 31.34 4.80 4.86
CA ALA B 433 30.10 5.14 5.54
C ALA B 433 30.31 5.50 7.00
N ILE B 434 31.06 4.67 7.71
CA ILE B 434 31.33 4.91 9.14
CA ILE B 434 31.34 4.89 9.14
C ILE B 434 32.17 6.19 9.30
N HIS B 435 33.15 6.39 8.44
CA HIS B 435 33.95 7.64 8.45
C HIS B 435 33.09 8.85 8.30
N GLU B 436 32.21 8.86 7.31
CA GLU B 436 31.39 10.07 7.05
C GLU B 436 30.40 10.42 8.18
N ILE B 437 29.81 9.40 8.83
CA ILE B 437 28.94 9.61 9.98
C ILE B 437 29.76 10.09 11.18
N LYS B 438 30.94 9.48 11.39
CA LYS B 438 31.85 9.94 12.46
C LYS B 438 32.21 11.40 12.27
N GLN B 439 32.62 11.74 11.03
CA GLN B 439 33.03 13.13 10.70
C GLN B 439 31.90 14.11 10.96
N PHE B 440 30.69 13.75 10.53
CA PHE B 440 29.49 14.56 10.80
C PHE B 440 29.26 14.73 12.30
N LEU B 441 29.34 13.65 13.07
CA LEU B 441 29.14 13.71 14.53
C LEU B 441 30.25 14.56 15.21
N ILE B 442 31.48 14.34 14.80
CA ILE B 442 32.62 15.15 15.27
C ILE B 442 32.32 16.66 15.08
N LEU B 443 31.87 17.04 13.89
CA LEU B 443 31.60 18.45 13.59
C LEU B 443 30.37 18.99 14.34
N MET B 444 29.31 18.18 14.49
CA MET B 444 28.15 18.60 15.28
C MET B 444 28.52 18.89 16.72
N LEU B 445 29.26 17.98 17.35
CA LEU B 445 29.72 18.15 18.75
C LEU B 445 30.69 19.33 18.89
N SER B 446 31.55 19.50 17.89
CA SER B 446 32.57 20.56 17.90
C SER B 446 31.99 21.96 17.58
N TYR B 447 31.02 22.05 16.66
CA TYR B 447 30.51 23.34 16.18
C TYR B 447 29.27 23.85 16.90
N PHE B 448 28.41 22.96 17.37
CA PHE B 448 27.08 23.37 17.84
C PHE B 448 26.80 23.06 19.31
N GLU B 449 25.90 23.88 19.91
CA GLU B 449 25.11 23.47 21.09
C GLU B 449 23.85 22.84 20.54
N LEU B 450 23.42 21.71 21.14
CA LEU B 450 22.35 20.88 20.57
C LEU B 450 21.28 20.53 21.60
N GLU B 451 20.02 20.81 21.25
CA GLU B 451 18.87 20.53 22.13
C GLU B 451 17.70 19.95 21.33
N LEU B 452 17.09 18.89 21.86
CA LEU B 452 15.80 18.45 21.39
C LEU B 452 14.73 19.41 21.93
N ILE B 453 13.60 19.50 21.21
CA ILE B 453 12.48 20.35 21.62
C ILE B 453 11.62 19.62 22.62
N ALA B 457 11.53 15.23 22.96
CA ALA B 457 11.01 14.52 21.80
C ALA B 457 11.15 12.98 21.93
N LYS B 458 10.01 12.29 22.19
CA LYS B 458 9.96 10.80 22.29
C LYS B 458 10.31 10.13 20.96
N CYS B 459 10.75 8.87 21.03
CA CYS B 459 11.43 8.22 19.88
C CYS B 459 10.48 7.76 18.80
N PRO B 460 10.62 8.30 17.57
CA PRO B 460 9.70 7.89 16.53
C PRO B 460 9.82 6.40 16.26
N PRO B 461 8.72 5.77 15.84
CA PRO B 461 8.82 4.42 15.36
C PRO B 461 9.48 4.37 13.98
N LEU B 462 9.97 3.20 13.61
CA LEU B 462 10.55 3.00 12.29
C LEU B 462 9.48 2.96 11.25
N ASP B 463 9.77 3.54 10.10
CA ASP B 463 8.91 3.42 8.94
C ASP B 463 9.25 2.15 8.18
N GLN B 464 8.39 1.14 8.30
CA GLN B 464 8.66 -0.17 7.70
C GLN B 464 8.28 -0.27 6.23
N SER B 465 7.81 0.82 5.62
CA SER B 465 7.50 0.80 4.20
C SER B 465 8.76 0.50 3.38
N ARG B 466 9.95 0.86 3.92
CA ARG B 466 11.24 0.57 3.28
C ARG B 466 11.91 -0.74 3.76
N ALA B 467 11.12 -1.63 4.41
CA ALA B 467 11.63 -2.91 4.87
C ALA B 467 12.35 -3.62 3.73
N GLY B 468 13.58 -4.08 4.01
CA GLY B 468 14.39 -4.77 3.00
C GLY B 468 15.45 -3.89 2.34
N LEU B 469 15.30 -2.58 2.43
CA LEU B 469 16.17 -1.64 1.67
C LEU B 469 17.34 -1.05 2.45
N GLY B 470 17.48 -1.43 3.73
CA GLY B 470 18.58 -0.97 4.56
C GLY B 470 18.10 -0.29 5.84
N ILE B 471 18.65 0.87 6.11
CA ILE B 471 18.33 1.61 7.35
C ILE B 471 16.98 2.29 7.20
N LEU B 472 16.07 1.98 8.11
CA LEU B 472 14.75 2.52 8.08
C LEU B 472 14.74 3.89 8.68
N PRO B 473 14.10 4.85 8.01
CA PRO B 473 13.92 6.17 8.57
C PRO B 473 12.81 6.21 9.62
N PRO B 474 12.74 7.29 10.40
CA PRO B 474 11.63 7.45 11.32
C PRO B 474 10.31 7.75 10.58
N LEU B 475 9.20 7.31 11.16
CA LEU B 475 7.90 7.53 10.57
C LEU B 475 7.59 9.05 10.55
N ASN B 476 8.07 9.75 11.56
CA ASN B 476 7.99 11.19 11.60
C ASN B 476 9.32 11.81 12.04
N ASP B 477 9.60 13.00 11.55
CA ASP B 477 10.77 13.74 11.94
C ASP B 477 10.60 14.24 13.39
N ILE B 478 11.68 14.66 13.99
CA ILE B 478 11.64 15.32 15.28
C ILE B 478 12.43 16.59 15.18
N GLU B 479 11.98 17.62 15.89
CA GLU B 479 12.61 18.91 15.84
C GLU B 479 13.70 19.02 16.88
N PHE B 480 14.76 19.75 16.53
CA PHE B 480 15.84 20.06 17.45
C PHE B 480 16.29 21.50 17.21
N LYS B 481 16.99 22.09 18.18
CA LYS B 481 17.57 23.43 18.02
C LYS B 481 19.04 23.27 17.96
N TYR B 482 19.69 24.12 17.19
CA TYR B 482 21.13 24.17 17.21
C TYR B 482 21.62 25.62 17.18
N LYS B 483 22.70 25.88 17.89
CA LYS B 483 23.32 27.20 17.95
C LYS B 483 24.81 27.04 17.77
N PHE B 484 25.41 27.84 16.88
CA PHE B 484 26.88 27.88 16.76
C PHE B 484 27.47 28.28 18.10
N LYS B 485 28.52 27.60 18.52
CA LYS B 485 29.21 27.95 19.76
C LYS B 485 29.93 29.32 19.65
#